data_2E0A
#
_entry.id   2E0A
#
_cell.length_a   71.121
_cell.length_b   68.456
_cell.length_c   79.755
_cell.angle_alpha   90.00
_cell.angle_beta   101.05
_cell.angle_gamma   90.00
#
_symmetry.space_group_name_H-M   'P 1 21 1'
#
loop_
_entity.id
_entity.type
_entity.pdbx_description
1 polymer 'Pyruvate dehydrogenase kinase isozyme 4'
2 non-polymer 'MAGNESIUM ION'
3 non-polymer 'PHOSPHOAMINOPHOSPHONIC ACID-ADENYLATE ESTER'
4 water water
#
_entity_poly.entity_id   1
_entity_poly.type   'polypeptide(L)'
_entity_poly.pdbx_seq_one_letter_code
;GPVPREVEHFSRYSPSPLSMKQLLDFGSENACERTSFAFLRQELPVRLANILKEIDILPTQLVNTSSVQLVKSWYIQSLM
DLVEFHEKSPDDQKALSDFVDTLIKVRNRHHNVVPTMAQGIIEYKDACTVDPVTNQNLQYFLDRFYMNRISTRMLMNQHI
LIFSDSQTGNPSHIGSIDPNCDVVAVVQDAFECSRMLCDQYYLSSPELKLTQVNGKFPDQPIHIVYVPSHLHHMLFELFK
NAMRATVEHQENQPSLTPIEVIVVLGKEDLTIKISDRGGGVPLRIIDRLFSYTYSTAPTPVMDNSRNAPLAGFGYGLPIS
RLYAKYFQGDLNLYSLSGYGTDAIIYLKALSSESIEKLPVFNKSAFKHYQMSSEADDWCIPSREPKNLAKEVAM
;
_entity_poly.pdbx_strand_id   A,B
#
# COMPACT_ATOMS: atom_id res chain seq x y z
N VAL A 3 -9.43 -23.42 30.29
CA VAL A 3 -8.13 -23.45 29.56
C VAL A 3 -7.09 -24.30 30.30
N PRO A 4 -6.54 -25.31 29.63
CA PRO A 4 -5.53 -26.20 30.21
C PRO A 4 -4.32 -25.42 30.70
N ARG A 5 -3.76 -25.82 31.84
CA ARG A 5 -2.60 -25.12 32.38
C ARG A 5 -1.46 -25.02 31.36
N GLU A 6 -1.30 -26.05 30.53
CA GLU A 6 -0.23 -26.03 29.52
C GLU A 6 -0.43 -24.87 28.55
N VAL A 7 -1.68 -24.64 28.17
CA VAL A 7 -2.00 -23.56 27.26
C VAL A 7 -1.72 -22.21 27.90
N GLU A 8 -2.17 -22.06 29.15
CA GLU A 8 -1.97 -20.81 29.85
C GLU A 8 -0.48 -20.53 30.00
N HIS A 9 0.27 -21.53 30.45
CA HIS A 9 1.72 -21.39 30.64
C HIS A 9 2.49 -21.04 29.36
N PHE A 10 2.39 -21.89 28.35
CA PHE A 10 3.12 -21.66 27.11
C PHE A 10 2.68 -20.45 26.30
N SER A 11 1.48 -19.95 26.55
CA SER A 11 1.00 -18.76 25.85
C SER A 11 1.71 -17.52 26.37
N ARG A 12 2.37 -17.66 27.52
CA ARG A 12 3.08 -16.55 28.13
C ARG A 12 4.35 -16.19 27.38
N TYR A 13 4.89 -17.15 26.64
CA TYR A 13 6.10 -16.89 25.88
C TYR A 13 5.75 -16.34 24.51
N SER A 14 6.71 -15.67 23.91
CA SER A 14 6.50 -15.13 22.59
C SER A 14 7.17 -16.08 21.60
N PRO A 15 6.58 -16.27 20.42
CA PRO A 15 7.15 -17.15 19.40
C PRO A 15 8.57 -16.63 19.06
N SER A 16 9.46 -17.53 18.66
CA SER A 16 10.84 -17.15 18.29
C SER A 16 11.00 -17.42 16.79
N PRO A 17 11.06 -16.36 15.98
CA PRO A 17 11.22 -16.54 14.53
C PRO A 17 12.59 -17.02 14.06
N LEU A 18 12.58 -17.87 13.04
CA LEU A 18 13.82 -18.38 12.46
C LEU A 18 13.96 -17.78 11.07
N SER A 19 15.19 -17.73 10.55
CA SER A 19 15.39 -17.25 9.20
C SER A 19 15.46 -18.50 8.35
N MET A 20 15.29 -18.32 7.05
CA MET A 20 15.35 -19.45 6.15
C MET A 20 16.75 -20.07 6.20
N LYS A 21 17.75 -19.23 6.45
CA LYS A 21 19.12 -19.73 6.54
C LYS A 21 19.22 -20.70 7.72
N GLN A 22 18.65 -20.32 8.85
CA GLN A 22 18.68 -21.18 10.04
C GLN A 22 17.95 -22.49 9.76
N LEU A 23 16.84 -22.39 9.04
CA LEU A 23 16.06 -23.57 8.69
C LEU A 23 16.85 -24.48 7.77
N LEU A 24 17.61 -23.89 6.85
CA LEU A 24 18.44 -24.68 5.95
C LEU A 24 19.48 -25.40 6.77
N ASP A 25 20.12 -24.67 7.66
CA ASP A 25 21.18 -25.22 8.49
C ASP A 25 20.81 -26.45 9.31
N PHE A 26 19.52 -26.62 9.58
CA PHE A 26 19.11 -27.80 10.33
C PHE A 26 19.46 -29.03 9.50
N GLY A 27 19.55 -28.84 8.19
CA GLY A 27 19.88 -29.94 7.31
C GLY A 27 21.36 -30.03 6.99
N SER A 28 22.19 -29.20 7.60
CA SER A 28 23.62 -29.24 7.33
C SER A 28 24.28 -30.50 7.88
N CYS A 32 22.39 -30.66 13.91
CA CYS A 32 22.04 -32.04 14.20
C CYS A 32 20.55 -32.15 14.54
N GLU A 33 20.09 -33.38 14.64
CA GLU A 33 18.69 -33.66 14.95
C GLU A 33 18.32 -33.24 16.35
N ARG A 34 19.22 -33.46 17.32
CA ARG A 34 18.90 -33.08 18.68
C ARG A 34 18.72 -31.58 18.87
N THR A 35 19.29 -30.78 17.97
CA THR A 35 19.13 -29.33 18.08
C THR A 35 17.74 -28.92 17.64
N SER A 36 17.29 -29.52 16.53
CA SER A 36 15.95 -29.26 15.97
C SER A 36 14.93 -29.80 16.98
N PHE A 37 15.19 -30.99 17.53
CA PHE A 37 14.29 -31.56 18.53
C PHE A 37 14.19 -30.59 19.72
N ALA A 38 15.34 -30.15 20.22
CA ALA A 38 15.36 -29.24 21.37
C ALA A 38 14.56 -27.96 21.13
N PHE A 39 14.70 -27.40 19.93
CA PHE A 39 13.99 -26.18 19.61
C PHE A 39 12.50 -26.40 19.43
N LEU A 40 12.14 -27.34 18.55
CA LEU A 40 10.73 -27.60 18.28
C LEU A 40 9.89 -28.09 19.45
N ARG A 41 10.42 -28.94 20.33
CA ARG A 41 9.58 -29.39 21.44
C ARG A 41 9.17 -28.23 22.34
N GLN A 42 9.91 -27.12 22.28
CA GLN A 42 9.57 -25.95 23.07
C GLN A 42 8.79 -24.94 22.23
N GLU A 43 9.25 -24.68 21.02
CA GLU A 43 8.62 -23.69 20.15
C GLU A 43 7.23 -24.05 19.64
N LEU A 44 7.00 -25.32 19.28
CA LEU A 44 5.67 -25.65 18.76
C LEU A 44 4.64 -25.45 19.87
N PRO A 45 4.91 -25.91 21.11
CA PRO A 45 3.87 -25.65 22.11
C PRO A 45 3.64 -24.14 22.28
N VAL A 46 4.71 -23.34 22.17
CA VAL A 46 4.56 -21.87 22.31
C VAL A 46 3.64 -21.31 21.22
N ARG A 47 3.88 -21.70 19.98
CA ARG A 47 3.05 -21.20 18.89
C ARG A 47 1.60 -21.69 19.00
N LEU A 48 1.41 -22.96 19.34
CA LEU A 48 0.05 -23.48 19.49
C LEU A 48 -0.66 -22.77 20.65
N ALA A 49 0.04 -22.58 21.77
CA ALA A 49 -0.55 -21.92 22.94
C ALA A 49 -0.94 -20.47 22.64
N ASN A 50 -0.08 -19.76 21.90
CA ASN A 50 -0.39 -18.38 21.56
C ASN A 50 -1.68 -18.27 20.76
N ILE A 51 -1.84 -19.11 19.74
CA ILE A 51 -3.05 -19.01 18.95
C ILE A 51 -4.28 -19.55 19.70
N LEU A 52 -4.08 -20.55 20.56
CA LEU A 52 -5.20 -21.08 21.34
C LEU A 52 -5.79 -20.00 22.27
N LYS A 53 -4.91 -19.19 22.87
CA LYS A 53 -5.38 -18.12 23.75
C LYS A 53 -6.19 -17.13 22.94
N GLU A 54 -5.72 -16.86 21.74
CA GLU A 54 -6.39 -15.91 20.87
C GLU A 54 -7.76 -16.43 20.39
N ILE A 55 -7.86 -17.73 20.13
CA ILE A 55 -9.14 -18.30 19.70
C ILE A 55 -10.18 -18.05 20.80
N ASP A 56 -9.72 -18.06 22.04
CA ASP A 56 -10.59 -17.83 23.20
C ASP A 56 -11.01 -16.37 23.37
N ILE A 57 -11.20 -15.66 22.26
CA ILE A 57 -11.60 -14.24 22.30
C ILE A 57 -12.61 -13.96 21.19
N LEU A 58 -12.67 -14.86 20.21
CA LEU A 58 -13.59 -14.73 19.10
C LEU A 58 -15.02 -14.64 19.60
N PRO A 59 -15.95 -14.21 18.73
CA PRO A 59 -17.36 -14.09 19.11
C PRO A 59 -17.91 -15.45 19.54
N THR A 60 -18.67 -15.46 20.63
CA THR A 60 -19.27 -16.68 21.15
C THR A 60 -19.86 -17.52 20.03
N GLN A 61 -20.59 -16.85 19.14
CA GLN A 61 -21.24 -17.49 17.99
C GLN A 61 -20.27 -18.21 17.04
N LEU A 62 -19.06 -17.68 16.89
CA LEU A 62 -18.07 -18.28 16.00
C LEU A 62 -17.21 -19.34 16.68
N VAL A 63 -16.76 -19.06 17.89
CA VAL A 63 -15.94 -20.00 18.62
C VAL A 63 -16.75 -21.26 18.88
N ASN A 64 -18.07 -21.10 18.98
CA ASN A 64 -18.96 -22.22 19.23
C ASN A 64 -19.34 -23.01 17.99
N THR A 65 -18.84 -22.63 16.83
CA THR A 65 -19.15 -23.40 15.63
C THR A 65 -18.45 -24.74 15.84
N SER A 66 -19.07 -25.83 15.43
CA SER A 66 -18.44 -27.12 15.62
C SER A 66 -17.07 -27.16 14.95
N SER A 67 -16.94 -26.45 13.82
CA SER A 67 -15.67 -26.42 13.11
C SER A 67 -14.54 -25.79 13.93
N VAL A 68 -14.78 -24.63 14.52
CA VAL A 68 -13.74 -24.00 15.34
C VAL A 68 -13.45 -24.84 16.58
N GLN A 69 -14.50 -25.37 17.20
CA GLN A 69 -14.30 -26.20 18.39
C GLN A 69 -13.40 -27.38 18.03
N LEU A 70 -13.62 -27.96 16.85
CA LEU A 70 -12.80 -29.09 16.43
C LEU A 70 -11.32 -28.67 16.32
N VAL A 71 -11.07 -27.60 15.55
CA VAL A 71 -9.70 -27.09 15.38
C VAL A 71 -9.07 -26.86 16.75
N LYS A 72 -9.82 -26.21 17.63
CA LYS A 72 -9.30 -25.96 18.97
C LYS A 72 -8.91 -27.28 19.67
N SER A 73 -9.76 -28.30 19.59
CA SER A 73 -9.47 -29.59 20.23
C SER A 73 -8.23 -30.25 19.64
N TRP A 74 -8.05 -30.10 18.34
CA TRP A 74 -6.87 -30.67 17.69
C TRP A 74 -5.59 -29.99 18.16
N TYR A 75 -5.58 -28.65 18.16
CA TYR A 75 -4.40 -27.89 18.59
C TYR A 75 -4.05 -28.22 20.05
N ILE A 76 -5.06 -28.33 20.91
CA ILE A 76 -4.79 -28.66 22.30
C ILE A 76 -4.13 -30.04 22.38
N GLN A 77 -4.68 -31.02 21.68
CA GLN A 77 -4.10 -32.36 21.73
C GLN A 77 -2.66 -32.39 21.20
N SER A 78 -2.42 -31.66 20.12
CA SER A 78 -1.08 -31.60 19.55
C SER A 78 -0.14 -30.95 20.56
N LEU A 79 -0.62 -29.92 21.24
CA LEU A 79 0.17 -29.23 22.25
C LEU A 79 0.55 -30.22 23.35
N MET A 80 -0.42 -30.98 23.83
CA MET A 80 -0.17 -31.99 24.87
C MET A 80 0.82 -33.05 24.38
N ASP A 81 0.61 -33.54 23.16
CA ASP A 81 1.50 -34.55 22.57
C ASP A 81 2.95 -34.06 22.61
N LEU A 82 3.16 -32.81 22.23
CA LEU A 82 4.51 -32.26 22.19
C LEU A 82 5.14 -32.04 23.58
N VAL A 83 4.34 -31.52 24.52
CA VAL A 83 4.83 -31.26 25.88
C VAL A 83 5.29 -32.55 26.58
N GLU A 84 4.73 -33.67 26.15
CA GLU A 84 5.09 -34.97 26.72
C GLU A 84 6.56 -35.27 26.46
N PHE A 85 7.18 -34.52 25.55
CA PHE A 85 8.59 -34.73 25.24
C PHE A 85 9.50 -33.83 26.07
N HIS A 86 8.90 -32.99 26.91
CA HIS A 86 9.68 -32.07 27.72
C HIS A 86 10.68 -32.73 28.67
N GLU A 87 10.38 -33.95 29.11
CA GLU A 87 11.24 -34.69 30.03
C GLU A 87 12.42 -35.40 29.36
N LYS A 88 12.26 -35.80 28.12
CA LYS A 88 13.28 -36.52 27.40
C LYS A 88 14.59 -35.77 27.17
N SER A 89 15.67 -36.52 27.08
CA SER A 89 16.99 -35.93 26.81
C SER A 89 17.16 -35.90 25.29
N PRO A 90 17.75 -34.81 24.75
CA PRO A 90 17.95 -34.74 23.31
C PRO A 90 18.90 -35.83 22.83
N ASP A 91 19.62 -36.43 23.77
CA ASP A 91 20.58 -37.49 23.45
C ASP A 91 19.94 -38.86 23.43
N ASP A 92 18.63 -38.90 23.69
CA ASP A 92 17.91 -40.15 23.71
C ASP A 92 17.42 -40.45 22.31
N GLN A 93 18.14 -41.34 21.62
CA GLN A 93 17.80 -41.70 20.24
C GLN A 93 16.35 -42.16 20.05
N LYS A 94 15.82 -42.90 21.01
CA LYS A 94 14.45 -43.38 20.90
C LYS A 94 13.48 -42.20 20.97
N ALA A 95 13.78 -41.26 21.86
CA ALA A 95 12.94 -40.08 22.02
C ALA A 95 12.93 -39.32 20.68
N LEU A 96 14.09 -39.16 20.05
CA LEU A 96 14.15 -38.45 18.78
C LEU A 96 13.28 -39.13 17.74
N SER A 97 13.35 -40.46 17.67
CA SER A 97 12.55 -41.21 16.72
C SER A 97 11.06 -41.05 17.00
N ASP A 98 10.68 -41.19 18.26
CA ASP A 98 9.28 -41.04 18.67
C ASP A 98 8.81 -39.61 18.39
N PHE A 99 9.73 -38.65 18.45
CA PHE A 99 9.36 -37.25 18.21
C PHE A 99 8.98 -37.10 16.74
N VAL A 100 9.75 -37.71 15.85
CA VAL A 100 9.45 -37.66 14.42
C VAL A 100 8.04 -38.25 14.21
N ASP A 101 7.77 -39.38 14.84
CA ASP A 101 6.46 -40.02 14.71
C ASP A 101 5.34 -39.11 15.22
N THR A 102 5.62 -38.39 16.30
CA THR A 102 4.63 -37.47 16.85
C THR A 102 4.41 -36.29 15.91
N LEU A 103 5.47 -35.79 15.29
CA LEU A 103 5.27 -34.67 14.36
C LEU A 103 4.43 -35.16 13.18
N ILE A 104 4.68 -36.39 12.74
CA ILE A 104 3.89 -36.93 11.63
C ILE A 104 2.43 -37.01 12.04
N LYS A 105 2.17 -37.50 13.25
CA LYS A 105 0.80 -37.59 13.75
C LYS A 105 0.15 -36.21 13.77
N VAL A 106 0.85 -35.22 14.33
CA VAL A 106 0.33 -33.86 14.42
C VAL A 106 0.07 -33.27 13.03
N ARG A 107 1.04 -33.46 12.11
CA ARG A 107 0.86 -32.96 10.75
C ARG A 107 -0.43 -33.53 10.17
N ASN A 108 -0.61 -34.85 10.30
CA ASN A 108 -1.80 -35.50 9.77
C ASN A 108 -3.08 -34.98 10.44
N ARG A 109 -3.04 -34.79 11.75
CA ARG A 109 -4.20 -34.25 12.46
C ARG A 109 -4.56 -32.84 11.99
N HIS A 110 -3.56 -32.03 11.65
CA HIS A 110 -3.80 -30.66 11.22
C HIS A 110 -4.03 -30.52 9.72
N HIS A 111 -3.93 -31.64 9.00
CA HIS A 111 -4.09 -31.62 7.56
C HIS A 111 -5.35 -30.92 7.06
N ASN A 112 -6.46 -31.09 7.75
CA ASN A 112 -7.72 -30.47 7.33
C ASN A 112 -8.09 -29.19 8.09
N VAL A 113 -7.11 -28.54 8.71
CA VAL A 113 -7.36 -27.33 9.48
C VAL A 113 -7.86 -26.12 8.68
N VAL A 114 -7.22 -25.80 7.56
CA VAL A 114 -7.65 -24.64 6.79
C VAL A 114 -9.10 -24.81 6.32
N PRO A 115 -9.44 -25.97 5.75
CA PRO A 115 -10.78 -26.27 5.25
C PRO A 115 -11.84 -26.29 6.36
N THR A 116 -11.45 -26.75 7.55
CA THR A 116 -12.36 -26.81 8.68
C THR A 116 -12.62 -25.40 9.20
N MET A 117 -11.58 -24.57 9.23
CA MET A 117 -11.73 -23.19 9.70
C MET A 117 -12.57 -22.38 8.71
N ALA A 118 -12.34 -22.57 7.42
CA ALA A 118 -13.10 -21.84 6.41
C ALA A 118 -14.57 -22.27 6.50
N GLN A 119 -14.78 -23.55 6.79
CA GLN A 119 -16.12 -24.09 6.93
C GLN A 119 -16.78 -23.54 8.18
N GLY A 120 -15.96 -23.15 9.16
CA GLY A 120 -16.48 -22.58 10.38
C GLY A 120 -17.02 -21.20 10.07
N ILE A 121 -16.29 -20.46 9.25
CA ILE A 121 -16.68 -19.12 8.84
C ILE A 121 -18.06 -19.18 8.19
N ILE A 122 -18.28 -20.24 7.41
CA ILE A 122 -19.55 -20.44 6.73
C ILE A 122 -20.62 -21.01 7.67
N GLU A 123 -20.19 -21.80 8.64
CA GLU A 123 -21.12 -22.36 9.62
C GLU A 123 -21.47 -21.20 10.55
N TYR A 124 -20.74 -20.11 10.37
CA TYR A 124 -20.92 -18.90 11.16
C TYR A 124 -21.89 -17.96 10.47
N LYS A 125 -21.78 -17.88 9.15
CA LYS A 125 -22.61 -17.00 8.35
C LYS A 125 -24.08 -17.42 8.30
N ASP A 126 -24.35 -18.71 8.19
CA ASP A 126 -25.72 -19.19 8.11
C ASP A 126 -26.32 -19.49 9.49
N ALA A 127 -25.46 -19.48 10.51
CA ALA A 127 -25.91 -19.74 11.88
C ALA A 127 -26.00 -18.44 12.68
N CYS A 128 -25.64 -17.33 12.05
CA CYS A 128 -25.68 -16.02 12.68
C CYS A 128 -25.74 -14.94 11.61
N THR A 129 -26.05 -13.72 12.03
CA THR A 129 -26.11 -12.61 11.09
C THR A 129 -24.72 -12.00 11.06
N VAL A 130 -24.05 -12.09 9.92
CA VAL A 130 -22.72 -11.54 9.85
C VAL A 130 -22.15 -11.45 8.44
N ASP A 131 -21.35 -10.42 8.22
CA ASP A 131 -20.70 -10.20 6.95
C ASP A 131 -19.22 -10.40 7.26
N PRO A 132 -18.68 -11.59 6.94
CA PRO A 132 -17.27 -11.83 7.23
C PRO A 132 -16.33 -10.84 6.53
N VAL A 133 -16.72 -10.38 5.34
CA VAL A 133 -15.90 -9.46 4.58
C VAL A 133 -15.61 -8.15 5.30
N THR A 134 -16.63 -7.59 5.96
CA THR A 134 -16.46 -6.32 6.65
C THR A 134 -16.16 -6.47 8.14
N ASN A 135 -16.19 -7.70 8.63
CA ASN A 135 -15.90 -7.94 10.04
C ASN A 135 -14.39 -7.82 10.22
N GLN A 136 -13.95 -6.65 10.68
CA GLN A 136 -12.53 -6.39 10.87
C GLN A 136 -11.79 -7.28 11.86
N ASN A 137 -12.45 -7.66 12.96
CA ASN A 137 -11.82 -8.53 13.95
C ASN A 137 -11.66 -9.94 13.36
N LEU A 138 -12.64 -10.37 12.59
CA LEU A 138 -12.58 -11.69 11.98
C LEU A 138 -11.41 -11.71 10.98
N GLN A 139 -11.23 -10.62 10.24
CA GLN A 139 -10.14 -10.54 9.26
C GLN A 139 -8.78 -10.57 9.96
N TYR A 140 -8.67 -9.81 11.04
CA TYR A 140 -7.45 -9.72 11.83
C TYR A 140 -7.10 -11.10 12.38
N PHE A 141 -8.10 -11.76 12.95
CA PHE A 141 -7.90 -13.10 13.50
C PHE A 141 -7.47 -14.10 12.44
N LEU A 142 -8.19 -14.15 11.32
CA LEU A 142 -7.85 -15.14 10.29
C LEU A 142 -6.44 -14.97 9.74
N ASP A 143 -5.98 -13.72 9.58
CA ASP A 143 -4.62 -13.52 9.07
C ASP A 143 -3.63 -14.12 10.07
N ARG A 144 -3.88 -13.88 11.35
CA ARG A 144 -2.99 -14.36 12.38
C ARG A 144 -3.07 -15.87 12.52
N PHE A 145 -4.28 -16.41 12.51
CA PHE A 145 -4.49 -17.86 12.60
C PHE A 145 -3.82 -18.59 11.43
N TYR A 146 -4.02 -18.08 10.22
CA TYR A 146 -3.42 -18.76 9.09
C TYR A 146 -1.90 -18.60 9.03
N MET A 147 -1.40 -17.45 9.45
CA MET A 147 0.06 -17.25 9.45
C MET A 147 0.64 -18.21 10.48
N ASN A 148 -0.03 -18.31 11.62
CA ASN A 148 0.45 -19.22 12.67
C ASN A 148 0.54 -20.63 12.10
N ARG A 149 -0.50 -21.06 11.38
CA ARG A 149 -0.48 -22.39 10.80
C ARG A 149 0.63 -22.56 9.77
N ILE A 150 0.77 -21.57 8.88
CA ILE A 150 1.83 -21.62 7.88
C ILE A 150 3.19 -21.85 8.57
N SER A 151 3.40 -21.17 9.70
CA SER A 151 4.67 -21.29 10.42
C SER A 151 4.85 -22.64 11.12
N THR A 152 3.80 -23.16 11.75
CA THR A 152 3.97 -24.43 12.45
C THR A 152 4.12 -25.55 11.43
N ARG A 153 3.38 -25.45 10.33
CA ARG A 153 3.48 -26.47 9.32
C ARG A 153 4.90 -26.47 8.73
N MET A 154 5.44 -25.27 8.51
CA MET A 154 6.79 -25.10 7.95
C MET A 154 7.83 -25.75 8.85
N LEU A 155 7.76 -25.41 10.13
CA LEU A 155 8.73 -25.95 11.08
C LEU A 155 8.63 -27.47 11.22
N MET A 156 7.44 -28.01 11.40
CA MET A 156 7.31 -29.47 11.55
C MET A 156 7.73 -30.22 10.30
N ASN A 157 7.34 -29.71 9.13
CA ASN A 157 7.69 -30.37 7.88
C ASN A 157 9.19 -30.33 7.68
N GLN A 158 9.83 -29.23 8.07
CA GLN A 158 11.27 -29.15 7.90
C GLN A 158 11.93 -30.29 8.68
N HIS A 159 11.51 -30.50 9.93
CA HIS A 159 12.08 -31.56 10.75
C HIS A 159 11.77 -32.95 10.20
N ILE A 160 10.49 -33.17 9.85
CA ILE A 160 10.08 -34.45 9.32
C ILE A 160 10.83 -34.81 8.03
N LEU A 161 10.85 -33.88 7.08
CA LEU A 161 11.49 -34.12 5.78
C LEU A 161 13.01 -34.24 5.80
N ILE A 162 13.64 -33.80 6.88
CA ILE A 162 15.09 -33.91 6.98
C ILE A 162 15.48 -35.15 7.80
N PHE A 163 14.79 -35.38 8.92
CA PHE A 163 15.16 -36.50 9.80
C PHE A 163 14.37 -37.80 9.79
N SER A 164 13.18 -37.84 9.21
CA SER A 164 12.43 -39.10 9.22
C SER A 164 13.06 -40.10 8.26
N ASP A 165 12.66 -41.35 8.40
CA ASP A 165 13.16 -42.42 7.54
C ASP A 165 12.25 -42.57 6.32
N SER A 166 10.95 -42.46 6.56
CA SER A 166 9.97 -42.66 5.49
C SER A 166 9.57 -41.45 4.63
N GLN A 167 9.69 -40.23 5.15
CA GLN A 167 9.30 -39.05 4.38
C GLN A 167 10.48 -38.13 4.02
N THR A 168 10.89 -38.23 2.76
CA THR A 168 12.03 -37.49 2.26
C THR A 168 11.73 -36.27 1.40
N GLY A 169 10.46 -36.11 1.01
CA GLY A 169 10.10 -34.97 0.19
C GLY A 169 10.90 -34.94 -1.10
N ASN A 170 11.15 -33.75 -1.61
CA ASN A 170 11.89 -33.57 -2.84
C ASN A 170 13.41 -33.73 -2.59
N PRO A 171 14.06 -34.66 -3.33
CA PRO A 171 15.49 -34.92 -3.22
C PRO A 171 16.39 -33.69 -3.37
N SER A 172 15.95 -32.72 -4.17
CA SER A 172 16.76 -31.53 -4.38
C SER A 172 16.55 -30.46 -3.31
N HIS A 173 15.65 -30.75 -2.37
CA HIS A 173 15.34 -29.79 -1.32
C HIS A 173 15.91 -30.19 0.02
N ILE A 174 16.11 -29.21 0.89
CA ILE A 174 16.57 -29.49 2.23
C ILE A 174 15.29 -29.21 3.01
N GLY A 175 14.59 -30.27 3.39
CA GLY A 175 13.30 -30.09 4.04
C GLY A 175 12.41 -29.68 2.87
N SER A 176 11.74 -28.54 2.98
CA SER A 176 10.89 -28.05 1.91
C SER A 176 11.56 -26.84 1.25
N ILE A 177 12.81 -26.58 1.62
CA ILE A 177 13.51 -25.44 1.04
C ILE A 177 14.42 -25.83 -0.12
N ASP A 178 14.32 -25.09 -1.21
CA ASP A 178 15.19 -25.31 -2.37
C ASP A 178 16.24 -24.22 -2.28
N PRO A 179 17.48 -24.59 -1.95
CA PRO A 179 18.56 -23.61 -1.84
C PRO A 179 18.85 -22.92 -3.17
N ASN A 180 18.45 -23.54 -4.27
CA ASN A 180 18.70 -23.00 -5.61
C ASN A 180 17.39 -22.97 -6.36
N CYS A 181 16.37 -22.37 -5.75
CA CYS A 181 15.07 -22.32 -6.35
C CYS A 181 15.10 -21.65 -7.71
N ASP A 182 14.71 -22.41 -8.74
CA ASP A 182 14.65 -21.91 -10.12
C ASP A 182 13.29 -21.20 -10.26
N VAL A 183 13.27 -19.91 -9.93
CA VAL A 183 12.05 -19.11 -9.92
C VAL A 183 11.26 -19.13 -11.22
N VAL A 184 11.92 -18.93 -12.35
CA VAL A 184 11.21 -18.94 -13.62
C VAL A 184 10.55 -20.29 -13.89
N ALA A 185 11.17 -21.37 -13.45
CA ALA A 185 10.59 -22.71 -13.64
C ALA A 185 9.30 -22.84 -12.83
N VAL A 186 9.32 -22.33 -11.59
CA VAL A 186 8.13 -22.38 -10.74
C VAL A 186 7.03 -21.54 -11.39
N VAL A 187 7.42 -20.38 -11.94
CA VAL A 187 6.46 -19.52 -12.61
C VAL A 187 5.78 -20.26 -13.77
N GLN A 188 6.59 -20.93 -14.59
CA GLN A 188 6.05 -21.65 -15.74
C GLN A 188 5.14 -22.80 -15.31
N ASP A 189 5.53 -23.50 -14.25
CA ASP A 189 4.72 -24.59 -13.75
C ASP A 189 3.35 -24.09 -13.24
N ALA A 190 3.40 -23.08 -12.38
CA ALA A 190 2.16 -22.50 -11.83
C ALA A 190 1.24 -22.00 -12.95
N PHE A 191 1.84 -21.35 -13.95
CA PHE A 191 1.06 -20.84 -15.09
C PHE A 191 0.34 -21.99 -15.81
N GLU A 192 1.06 -23.08 -16.07
CA GLU A 192 0.43 -24.23 -16.74
C GLU A 192 -0.68 -24.84 -15.91
N CYS A 193 -0.50 -24.90 -14.59
CA CYS A 193 -1.56 -25.46 -13.73
C CYS A 193 -2.81 -24.60 -13.80
N SER A 194 -2.62 -23.27 -13.79
CA SER A 194 -3.75 -22.34 -13.86
C SER A 194 -4.43 -22.48 -15.21
N ARG A 195 -3.61 -22.59 -16.24
CA ARG A 195 -4.11 -22.71 -17.60
C ARG A 195 -5.01 -23.94 -17.79
N MET A 196 -4.59 -25.09 -17.26
CA MET A 196 -5.40 -26.31 -17.39
C MET A 196 -6.76 -26.12 -16.74
N LEU A 197 -6.79 -25.42 -15.62
CA LEU A 197 -8.05 -25.16 -14.91
C LEU A 197 -8.89 -24.17 -15.71
N CYS A 198 -8.26 -23.12 -16.21
CA CYS A 198 -8.94 -22.10 -17.01
C CYS A 198 -9.61 -22.73 -18.22
N ASP A 199 -8.88 -23.63 -18.91
CA ASP A 199 -9.42 -24.31 -20.08
C ASP A 199 -10.70 -25.09 -19.76
N GLN A 200 -10.74 -25.73 -18.61
CA GLN A 200 -11.92 -26.51 -18.23
C GLN A 200 -13.12 -25.60 -18.00
N TYR A 201 -12.88 -24.38 -17.54
CA TYR A 201 -13.98 -23.46 -17.32
C TYR A 201 -14.37 -22.61 -18.51
N TYR A 202 -13.44 -22.41 -19.45
CA TYR A 202 -13.75 -21.55 -20.59
C TYR A 202 -13.38 -22.07 -21.96
N LEU A 203 -12.66 -23.18 -22.04
CA LEU A 203 -12.23 -23.69 -23.34
C LEU A 203 -11.30 -22.70 -24.02
N SER A 204 -10.59 -21.93 -23.20
CA SER A 204 -9.60 -20.98 -23.70
C SER A 204 -8.90 -20.40 -22.49
N SER A 205 -7.65 -19.97 -22.71
CA SER A 205 -6.87 -19.38 -21.65
C SER A 205 -5.82 -18.50 -22.27
N PRO A 206 -5.40 -17.45 -21.56
CA PRO A 206 -4.37 -16.53 -22.06
C PRO A 206 -3.02 -17.24 -22.09
N GLU A 207 -2.16 -16.80 -22.99
CA GLU A 207 -0.83 -17.36 -23.06
C GLU A 207 0.06 -16.56 -22.12
N LEU A 208 1.25 -17.09 -21.84
CA LEU A 208 2.21 -16.44 -20.97
C LEU A 208 3.29 -15.74 -21.80
N LYS A 209 3.55 -14.47 -21.48
CA LYS A 209 4.62 -13.69 -22.10
C LYS A 209 5.55 -13.38 -20.93
N LEU A 210 6.70 -14.05 -20.89
CA LEU A 210 7.61 -13.86 -19.78
C LEU A 210 8.98 -13.27 -20.10
N THR A 211 9.38 -12.33 -19.24
CA THR A 211 10.66 -11.62 -19.35
C THR A 211 11.36 -11.77 -18.01
N GLN A 212 12.69 -11.86 -18.02
CA GLN A 212 13.44 -11.97 -16.77
C GLN A 212 14.66 -11.08 -16.87
N VAL A 213 14.98 -10.46 -15.76
CA VAL A 213 16.12 -9.55 -15.70
C VAL A 213 16.93 -9.88 -14.47
N ASN A 214 18.17 -10.33 -14.67
CA ASN A 214 19.01 -10.62 -13.51
C ASN A 214 19.86 -9.38 -13.27
N GLY A 215 19.37 -8.51 -12.38
CA GLY A 215 20.11 -7.30 -12.08
C GLY A 215 21.34 -7.60 -11.23
N LYS A 216 21.24 -8.56 -10.32
CA LYS A 216 22.37 -8.90 -9.48
C LYS A 216 23.50 -9.55 -10.30
N PHE A 217 23.14 -10.45 -11.22
CA PHE A 217 24.12 -11.12 -12.08
C PHE A 217 23.62 -11.15 -13.52
N PRO A 218 23.84 -10.08 -14.28
CA PRO A 218 23.41 -9.97 -15.68
C PRO A 218 23.44 -11.25 -16.52
N ASP A 219 22.32 -11.49 -17.21
CA ASP A 219 22.14 -12.65 -18.08
C ASP A 219 22.25 -14.02 -17.44
N GLN A 220 22.44 -14.09 -16.13
CA GLN A 220 22.53 -15.39 -15.45
C GLN A 220 21.15 -15.88 -15.03
N PRO A 221 20.98 -17.21 -14.93
CA PRO A 221 19.68 -17.74 -14.54
C PRO A 221 19.41 -17.21 -13.13
N ILE A 222 18.14 -17.00 -12.81
CA ILE A 222 17.75 -16.47 -11.52
C ILE A 222 17.43 -17.57 -10.50
N HIS A 223 18.16 -17.57 -9.39
CA HIS A 223 17.94 -18.53 -8.31
C HIS A 223 18.03 -17.81 -6.98
N ILE A 224 17.22 -18.24 -6.02
CA ILE A 224 17.31 -17.73 -4.66
C ILE A 224 16.93 -18.89 -3.75
N VAL A 225 17.25 -18.75 -2.47
CA VAL A 225 16.88 -19.75 -1.50
C VAL A 225 15.39 -19.48 -1.24
N TYR A 226 14.54 -20.48 -1.42
CA TYR A 226 13.11 -20.25 -1.13
C TYR A 226 12.35 -21.56 -0.97
N VAL A 227 11.08 -21.46 -0.54
CA VAL A 227 10.21 -22.62 -0.36
C VAL A 227 9.40 -22.66 -1.65
N PRO A 228 9.75 -23.53 -2.60
CA PRO A 228 8.96 -23.55 -3.84
C PRO A 228 7.46 -23.78 -3.74
N SER A 229 7.01 -24.59 -2.78
CA SER A 229 5.58 -24.85 -2.66
C SER A 229 4.82 -23.55 -2.35
N HIS A 230 5.42 -22.72 -1.50
CA HIS A 230 4.82 -21.44 -1.15
C HIS A 230 4.80 -20.51 -2.38
N LEU A 231 5.91 -20.47 -3.10
CA LEU A 231 5.98 -19.62 -4.28
C LEU A 231 4.95 -20.11 -5.31
N HIS A 232 4.88 -21.42 -5.49
CA HIS A 232 3.94 -21.99 -6.45
C HIS A 232 2.49 -21.61 -6.08
N HIS A 233 2.16 -21.66 -4.80
CA HIS A 233 0.81 -21.33 -4.35
C HIS A 233 0.47 -19.88 -4.76
N MET A 234 1.33 -18.95 -4.39
CA MET A 234 1.10 -17.54 -4.70
C MET A 234 0.87 -17.30 -6.18
N LEU A 235 1.77 -17.84 -7.01
CA LEU A 235 1.67 -17.65 -8.45
C LEU A 235 0.42 -18.29 -9.03
N PHE A 236 0.08 -19.47 -8.53
CA PHE A 236 -1.09 -20.20 -9.01
C PHE A 236 -2.34 -19.37 -8.75
N GLU A 237 -2.47 -18.84 -7.52
CA GLU A 237 -3.62 -18.02 -7.18
C GLU A 237 -3.69 -16.74 -7.99
N LEU A 238 -2.55 -16.09 -8.19
CA LEU A 238 -2.54 -14.86 -8.98
C LEU A 238 -2.80 -15.13 -10.45
N PHE A 239 -2.32 -16.28 -10.95
CA PHE A 239 -2.56 -16.61 -12.36
C PHE A 239 -4.05 -16.94 -12.56
N LYS A 240 -4.65 -17.68 -11.63
CA LYS A 240 -6.08 -17.99 -11.77
C LYS A 240 -6.88 -16.69 -11.85
N ASN A 241 -6.53 -15.72 -11.00
CA ASN A 241 -7.23 -14.43 -10.99
C ASN A 241 -7.04 -13.67 -12.31
N ALA A 242 -5.80 -13.62 -12.76
CA ALA A 242 -5.51 -12.89 -13.99
C ALA A 242 -6.16 -13.57 -15.20
N MET A 243 -6.20 -14.89 -15.22
CA MET A 243 -6.83 -15.59 -16.35
C MET A 243 -8.34 -15.41 -16.34
N ARG A 244 -8.96 -15.58 -15.17
CA ARG A 244 -10.42 -15.41 -15.10
C ARG A 244 -10.83 -14.00 -15.54
N ALA A 245 -10.14 -12.99 -15.02
CA ALA A 245 -10.44 -11.61 -15.38
C ALA A 245 -10.24 -11.33 -16.87
N THR A 246 -9.13 -11.82 -17.43
CA THR A 246 -8.85 -11.60 -18.86
C THR A 246 -9.92 -12.23 -19.74
N VAL A 247 -10.20 -13.51 -19.51
CA VAL A 247 -11.21 -14.21 -20.31
C VAL A 247 -12.59 -13.56 -20.22
N GLU A 248 -13.04 -13.23 -19.01
CA GLU A 248 -14.35 -12.64 -18.87
C GLU A 248 -14.45 -11.23 -19.40
N HIS A 249 -13.40 -10.45 -19.24
CA HIS A 249 -13.42 -9.08 -19.74
C HIS A 249 -13.34 -9.05 -21.26
N GLN A 250 -12.73 -10.08 -21.83
CA GLN A 250 -12.55 -10.12 -23.27
C GLN A 250 -13.41 -11.17 -24.00
N GLU A 251 -14.40 -11.70 -23.31
CA GLU A 251 -15.27 -12.75 -23.88
C GLU A 251 -16.03 -12.33 -25.14
N ASN A 252 -16.13 -11.03 -25.39
CA ASN A 252 -16.82 -10.56 -26.59
C ASN A 252 -15.83 -10.20 -27.69
N GLN A 253 -14.59 -10.65 -27.54
CA GLN A 253 -13.53 -10.39 -28.53
C GLN A 253 -12.99 -11.67 -29.14
N PRO A 254 -12.40 -11.57 -30.34
CA PRO A 254 -11.81 -12.70 -31.09
C PRO A 254 -10.66 -13.45 -30.44
N SER A 255 -9.83 -12.75 -29.67
CA SER A 255 -8.68 -13.40 -29.03
C SER A 255 -8.45 -12.88 -27.62
N LEU A 256 -7.46 -13.45 -26.95
CA LEU A 256 -7.12 -13.06 -25.59
C LEU A 256 -5.73 -12.46 -25.51
N THR A 257 -5.61 -11.34 -24.80
CA THR A 257 -4.30 -10.72 -24.62
C THR A 257 -3.60 -11.68 -23.67
N PRO A 258 -2.27 -11.80 -23.79
CA PRO A 258 -1.54 -12.70 -22.90
C PRO A 258 -1.41 -12.12 -21.49
N ILE A 259 -0.87 -12.93 -20.59
CA ILE A 259 -0.60 -12.44 -19.24
C ILE A 259 0.90 -12.23 -19.32
N GLU A 260 1.34 -11.00 -19.00
CA GLU A 260 2.74 -10.66 -19.05
C GLU A 260 3.36 -10.77 -17.69
N VAL A 261 4.48 -11.48 -17.58
CA VAL A 261 5.14 -11.63 -16.31
C VAL A 261 6.59 -11.22 -16.44
N ILE A 262 7.07 -10.49 -15.44
CA ILE A 262 8.49 -10.13 -15.45
C ILE A 262 9.07 -10.57 -14.12
N VAL A 263 10.20 -11.27 -14.18
CA VAL A 263 10.87 -11.76 -12.98
C VAL A 263 12.18 -11.01 -12.91
N VAL A 264 12.40 -10.29 -11.81
CA VAL A 264 13.60 -9.48 -11.62
C VAL A 264 14.33 -9.81 -10.32
N LEU A 265 15.64 -9.99 -10.42
CA LEU A 265 16.44 -10.26 -9.25
C LEU A 265 17.31 -9.05 -9.06
N GLY A 266 17.12 -8.38 -7.92
CA GLY A 266 17.91 -7.21 -7.59
C GLY A 266 18.90 -7.62 -6.51
N LYS A 267 19.58 -6.63 -5.94
CA LYS A 267 20.56 -6.93 -4.91
C LYS A 267 19.95 -7.52 -3.64
N GLU A 268 18.79 -7.03 -3.21
CA GLU A 268 18.21 -7.63 -2.00
C GLU A 268 16.79 -8.15 -2.16
N ASP A 269 16.22 -7.97 -3.34
CA ASP A 269 14.87 -8.44 -3.56
C ASP A 269 14.69 -9.18 -4.88
N LEU A 270 13.75 -10.12 -4.88
CA LEU A 270 13.36 -10.86 -6.07
C LEU A 270 11.94 -10.35 -6.26
N THR A 271 11.63 -9.80 -7.43
CA THR A 271 10.30 -9.28 -7.67
C THR A 271 9.67 -9.96 -8.87
N ILE A 272 8.38 -10.26 -8.75
CA ILE A 272 7.64 -10.86 -9.85
C ILE A 272 6.39 -10.03 -10.09
N LYS A 273 6.24 -9.53 -11.31
CA LYS A 273 5.10 -8.71 -11.66
C LYS A 273 4.22 -9.47 -12.66
N ILE A 274 2.93 -9.60 -12.34
CA ILE A 274 1.99 -10.30 -13.21
C ILE A 274 0.95 -9.28 -13.69
N SER A 275 0.93 -9.04 -14.99
CA SER A 275 0.04 -8.04 -15.57
C SER A 275 -0.99 -8.63 -16.51
N ASP A 276 -2.23 -8.19 -16.34
CA ASP A 276 -3.29 -8.66 -17.19
C ASP A 276 -4.09 -7.48 -17.73
N ARG A 277 -4.90 -7.76 -18.74
CA ARG A 277 -5.76 -6.74 -19.31
C ARG A 277 -7.17 -7.26 -19.06
N GLY A 278 -7.42 -7.57 -17.79
CA GLY A 278 -8.71 -8.11 -17.37
C GLY A 278 -9.74 -7.10 -16.88
N GLY A 279 -9.55 -5.83 -17.21
CA GLY A 279 -10.52 -4.83 -16.82
C GLY A 279 -10.29 -4.11 -15.50
N GLY A 280 -9.50 -4.69 -14.60
CA GLY A 280 -9.20 -4.05 -13.33
C GLY A 280 -10.39 -3.92 -12.37
N VAL A 281 -10.18 -3.20 -11.29
CA VAL A 281 -11.25 -2.97 -10.30
C VAL A 281 -11.09 -1.56 -9.72
N PRO A 282 -12.19 -0.95 -9.27
CA PRO A 282 -12.14 0.39 -8.69
C PRO A 282 -11.20 0.44 -7.48
N LEU A 283 -10.43 1.52 -7.36
CA LEU A 283 -9.50 1.65 -6.22
C LEU A 283 -10.26 1.49 -4.90
N ARG A 284 -11.51 1.93 -4.90
CA ARG A 284 -12.35 1.84 -3.70
C ARG A 284 -12.48 0.42 -3.17
N ILE A 285 -12.44 -0.53 -4.09
CA ILE A 285 -12.63 -1.95 -3.77
C ILE A 285 -11.37 -2.78 -3.51
N ILE A 286 -10.20 -2.25 -3.87
CA ILE A 286 -8.94 -2.99 -3.71
C ILE A 286 -8.74 -3.70 -2.38
N ASP A 287 -8.94 -3.01 -1.26
CA ASP A 287 -8.74 -3.66 0.03
C ASP A 287 -9.72 -4.80 0.28
N ARG A 288 -10.93 -4.65 -0.23
CA ARG A 288 -11.94 -5.70 -0.07
C ARG A 288 -11.43 -6.97 -0.73
N LEU A 289 -10.75 -6.83 -1.86
CA LEU A 289 -10.25 -8.01 -2.57
C LEU A 289 -9.44 -8.88 -1.64
N PHE A 290 -8.71 -8.26 -0.73
CA PHE A 290 -7.86 -9.00 0.19
C PHE A 290 -8.53 -9.55 1.42
N SER A 291 -9.84 -9.36 1.54
CA SER A 291 -10.55 -9.87 2.71
C SER A 291 -10.94 -11.33 2.52
N TYR A 292 -10.82 -12.13 3.57
CA TYR A 292 -11.19 -13.53 3.49
C TYR A 292 -12.67 -13.64 3.11
N THR A 293 -12.96 -14.56 2.20
CA THR A 293 -14.30 -14.86 1.66
C THR A 293 -14.80 -13.87 0.60
N TYR A 294 -14.12 -12.74 0.43
CA TYR A 294 -14.57 -11.82 -0.61
C TYR A 294 -14.29 -12.41 -1.99
N SER A 295 -15.34 -12.55 -2.80
CA SER A 295 -15.20 -13.08 -4.14
C SER A 295 -16.36 -12.63 -5.02
N THR A 296 -16.09 -12.51 -6.33
CA THR A 296 -17.15 -12.15 -7.25
C THR A 296 -17.75 -13.43 -7.82
N ALA A 297 -17.31 -14.56 -7.28
CA ALA A 297 -17.84 -15.85 -7.69
C ALA A 297 -18.53 -16.43 -6.45
N PRO A 298 -19.52 -17.31 -6.65
CA PRO A 298 -20.26 -17.94 -5.54
C PRO A 298 -19.35 -18.80 -4.69
N THR A 299 -19.68 -18.96 -3.41
CA THR A 299 -18.87 -19.81 -2.55
C THR A 299 -19.03 -21.24 -3.09
N PRO A 300 -17.93 -21.90 -3.42
CA PRO A 300 -17.99 -23.28 -3.95
C PRO A 300 -18.78 -24.24 -3.08
N ASN A 307 -14.81 -30.53 -9.54
CA ASN A 307 -13.64 -30.96 -8.76
C ASN A 307 -12.98 -29.77 -8.06
N ALA A 308 -12.21 -29.00 -8.83
CA ALA A 308 -11.51 -27.84 -8.31
C ALA A 308 -12.12 -26.57 -8.89
N PRO A 309 -12.52 -25.62 -8.02
CA PRO A 309 -13.11 -24.35 -8.47
C PRO A 309 -12.08 -23.32 -8.91
N LEU A 310 -12.34 -22.69 -10.05
CA LEU A 310 -11.42 -21.68 -10.54
C LEU A 310 -11.42 -20.51 -9.56
N ALA A 311 -12.61 -20.20 -9.04
CA ALA A 311 -12.77 -19.12 -8.07
C ALA A 311 -13.98 -19.43 -7.18
N GLY A 312 -14.11 -18.69 -6.08
CA GLY A 312 -15.22 -18.91 -5.17
C GLY A 312 -14.92 -18.79 -3.69
N PHE A 313 -13.81 -19.37 -3.26
CA PHE A 313 -13.44 -19.33 -1.84
C PHE A 313 -13.19 -17.93 -1.25
N GLY A 314 -12.56 -17.05 -2.02
CA GLY A 314 -12.26 -15.72 -1.53
C GLY A 314 -11.01 -15.78 -0.65
N TYR A 315 -10.15 -16.77 -0.93
CA TYR A 315 -8.92 -16.97 -0.15
C TYR A 315 -7.61 -16.73 -0.89
N GLY A 316 -7.65 -16.83 -2.22
CA GLY A 316 -6.46 -16.65 -3.02
C GLY A 316 -5.58 -15.46 -2.67
N LEU A 317 -6.16 -14.27 -2.62
CA LEU A 317 -5.37 -13.08 -2.30
C LEU A 317 -4.81 -12.99 -0.86
N PRO A 318 -5.69 -13.09 0.16
CA PRO A 318 -5.11 -12.99 1.51
C PRO A 318 -4.11 -14.10 1.86
N ILE A 319 -4.39 -15.33 1.46
CA ILE A 319 -3.47 -16.43 1.76
C ILE A 319 -2.13 -16.25 1.00
N SER A 320 -2.21 -15.88 -0.29
CA SER A 320 -0.99 -15.65 -1.07
C SER A 320 -0.19 -14.53 -0.41
N ARG A 321 -0.88 -13.49 0.07
CA ARG A 321 -0.17 -12.41 0.72
C ARG A 321 0.48 -12.91 2.01
N LEU A 322 -0.17 -13.83 2.73
CA LEU A 322 0.43 -14.36 3.95
C LEU A 322 1.73 -15.10 3.60
N TYR A 323 1.71 -15.89 2.54
CA TYR A 323 2.92 -16.60 2.19
C TYR A 323 4.05 -15.61 1.86
N ALA A 324 3.72 -14.56 1.10
CA ALA A 324 4.75 -13.59 0.75
C ALA A 324 5.31 -12.88 2.00
N LYS A 325 4.44 -12.47 2.91
CA LYS A 325 4.88 -11.77 4.12
C LYS A 325 5.56 -12.68 5.16
N TYR A 326 5.30 -13.99 5.06
CA TYR A 326 5.84 -14.93 6.03
C TYR A 326 7.37 -14.87 6.17
N PHE A 327 8.07 -14.59 5.08
CA PHE A 327 9.51 -14.48 5.14
C PHE A 327 9.95 -13.05 4.78
N GLN A 328 9.16 -12.09 5.24
CA GLN A 328 9.42 -10.66 5.04
C GLN A 328 9.26 -10.10 3.63
N GLY A 329 8.52 -10.79 2.76
CA GLY A 329 8.27 -10.26 1.44
C GLY A 329 6.90 -9.58 1.50
N ASP A 330 6.26 -9.40 0.36
CA ASP A 330 4.95 -8.77 0.37
C ASP A 330 4.26 -9.08 -0.94
N LEU A 331 2.97 -8.76 -1.01
CA LEU A 331 2.21 -8.98 -2.22
C LEU A 331 1.20 -7.84 -2.28
N ASN A 332 1.20 -7.14 -3.41
CA ASN A 332 0.32 -6.01 -3.62
C ASN A 332 -0.33 -6.09 -4.98
N LEU A 333 -1.49 -5.43 -5.10
CA LEU A 333 -2.23 -5.35 -6.34
C LEU A 333 -2.41 -3.87 -6.65
N TYR A 334 -2.09 -3.48 -7.89
CA TYR A 334 -2.25 -2.10 -8.35
C TYR A 334 -3.06 -2.23 -9.64
N SER A 335 -4.28 -1.73 -9.60
CA SER A 335 -5.17 -1.88 -10.75
C SER A 335 -5.50 -0.58 -11.47
N LEU A 336 -5.82 -0.72 -12.76
CA LEU A 336 -6.22 0.41 -13.60
C LEU A 336 -7.65 0.06 -14.01
N SER A 337 -8.61 0.58 -13.26
CA SER A 337 -10.03 0.31 -13.52
C SER A 337 -10.39 0.67 -14.97
N GLY A 338 -10.85 -0.34 -15.72
CA GLY A 338 -11.22 -0.14 -17.10
C GLY A 338 -10.19 -0.71 -18.05
N TYR A 339 -9.07 -1.19 -17.51
CA TYR A 339 -8.00 -1.73 -18.33
C TYR A 339 -7.45 -3.09 -17.89
N GLY A 340 -6.81 -3.10 -16.72
CA GLY A 340 -6.24 -4.33 -16.21
C GLY A 340 -5.63 -4.14 -14.83
N THR A 341 -4.85 -5.13 -14.41
CA THR A 341 -4.26 -5.14 -13.09
C THR A 341 -2.85 -5.67 -13.05
N ASP A 342 -2.02 -5.06 -12.20
CA ASP A 342 -0.66 -5.53 -12.00
C ASP A 342 -0.63 -6.14 -10.58
N ALA A 343 -0.22 -7.40 -10.46
CA ALA A 343 -0.08 -8.07 -9.15
C ALA A 343 1.42 -8.18 -8.95
N ILE A 344 1.92 -7.79 -7.79
CA ILE A 344 3.35 -7.84 -7.58
C ILE A 344 3.75 -8.58 -6.32
N ILE A 345 4.68 -9.52 -6.47
CA ILE A 345 5.20 -10.30 -5.36
C ILE A 345 6.63 -9.86 -5.09
N TYR A 346 6.96 -9.60 -3.83
CA TYR A 346 8.33 -9.23 -3.46
C TYR A 346 8.83 -10.30 -2.51
N LEU A 347 10.02 -10.84 -2.77
CA LEU A 347 10.61 -11.83 -1.86
C LEU A 347 12.01 -11.35 -1.53
N LYS A 348 12.48 -11.64 -0.31
CA LYS A 348 13.84 -11.26 0.08
C LYS A 348 14.78 -12.17 -0.71
N ALA A 349 15.82 -11.59 -1.30
CA ALA A 349 16.78 -12.37 -2.09
C ALA A 349 17.87 -13.04 -1.23
N LEU A 350 17.94 -12.68 0.04
CA LEU A 350 18.94 -13.25 0.97
C LEU A 350 18.28 -14.14 2.03
N SER A 351 18.76 -15.38 2.17
CA SER A 351 18.13 -16.27 3.15
C SER A 351 18.27 -15.76 4.57
N SER A 352 19.32 -15.00 4.83
CA SER A 352 19.56 -14.46 6.18
C SER A 352 18.55 -13.37 6.54
N GLU A 353 17.97 -12.71 5.54
CA GLU A 353 16.98 -11.66 5.80
C GLU A 353 15.54 -12.19 5.70
N SER A 354 15.41 -13.46 5.31
CA SER A 354 14.10 -14.10 5.17
C SER A 354 13.74 -14.69 6.53
N ILE A 355 13.22 -13.82 7.39
CA ILE A 355 12.87 -14.20 8.75
C ILE A 355 11.37 -14.36 8.93
N GLU A 356 10.96 -15.39 9.64
CA GLU A 356 9.54 -15.63 9.88
C GLU A 356 8.83 -14.42 10.48
N LYS A 357 7.65 -14.12 9.97
CA LYS A 357 6.84 -13.01 10.48
C LYS A 357 5.74 -13.73 11.24
N LEU A 358 5.79 -13.65 12.56
CA LEU A 358 4.86 -14.38 13.41
C LEU A 358 3.95 -13.54 14.30
N PRO A 359 2.69 -13.98 14.46
CA PRO A 359 1.77 -13.22 15.32
C PRO A 359 2.01 -13.64 16.77
N VAL A 360 1.93 -12.69 17.71
CA VAL A 360 2.12 -13.00 19.12
C VAL A 360 0.88 -12.56 19.88
N PHE A 361 0.45 -13.35 20.86
CA PHE A 361 -0.71 -12.94 21.62
C PHE A 361 -0.21 -12.16 22.82
N ASN A 362 -0.41 -10.85 22.78
CA ASN A 362 0.04 -9.99 23.88
C ASN A 362 -0.94 -8.86 24.10
N LYS A 363 -0.64 -8.00 25.07
CA LYS A 363 -1.49 -6.87 25.39
C LYS A 363 -1.87 -6.13 24.12
N SER A 364 -0.86 -5.87 23.29
CA SER A 364 -1.07 -5.17 22.02
C SER A 364 -2.11 -5.85 21.14
N ALA A 365 -1.85 -7.10 20.78
CA ALA A 365 -2.76 -7.86 19.94
C ALA A 365 -4.17 -7.81 20.54
N PHE A 366 -4.26 -8.03 21.84
CA PHE A 366 -5.54 -8.01 22.54
C PHE A 366 -6.25 -6.67 22.37
N LYS A 367 -5.47 -5.58 22.36
CA LYS A 367 -6.04 -4.24 22.21
C LYS A 367 -6.76 -4.10 20.87
N HIS A 368 -6.20 -4.71 19.83
CA HIS A 368 -6.80 -4.66 18.50
C HIS A 368 -8.19 -5.30 18.48
N TYR A 369 -8.40 -6.30 19.33
CA TYR A 369 -9.68 -6.97 19.39
C TYR A 369 -10.75 -6.17 20.13
N VAL B 3 -0.63 32.73 20.86
CA VAL B 3 -1.99 32.17 20.63
C VAL B 3 -3.09 33.22 20.85
N PRO B 4 -3.17 34.23 19.98
CA PRO B 4 -4.18 35.29 20.08
C PRO B 4 -5.60 34.74 20.20
N ARG B 5 -6.51 35.58 20.71
CA ARG B 5 -7.90 35.19 20.91
C ARG B 5 -8.57 34.59 19.68
N GLU B 6 -8.45 35.30 18.55
CA GLU B 6 -9.04 34.83 17.30
C GLU B 6 -8.57 33.42 16.95
N VAL B 7 -7.30 33.13 17.23
CA VAL B 7 -6.75 31.81 16.91
C VAL B 7 -7.41 30.69 17.72
N GLU B 8 -7.51 30.89 19.04
CA GLU B 8 -8.13 29.89 19.89
C GLU B 8 -9.59 29.74 19.49
N HIS B 9 -10.24 30.88 19.25
CA HIS B 9 -11.65 30.91 18.87
C HIS B 9 -11.91 30.13 17.58
N PHE B 10 -11.32 30.57 16.48
CA PHE B 10 -11.54 29.88 15.22
C PHE B 10 -10.99 28.44 15.14
N SER B 11 -10.03 28.10 16.00
CA SER B 11 -9.50 26.75 15.99
C SER B 11 -10.56 25.81 16.55
N ARG B 12 -11.53 26.37 17.26
CA ARG B 12 -12.60 25.55 17.85
C ARG B 12 -13.60 25.04 16.84
N TYR B 13 -13.60 25.62 15.64
CA TYR B 13 -14.49 25.14 14.56
C TYR B 13 -13.70 24.09 13.80
N SER B 14 -14.40 23.17 13.14
CA SER B 14 -13.71 22.17 12.35
C SER B 14 -13.87 22.57 10.90
N PRO B 15 -12.81 22.39 10.10
CA PRO B 15 -12.87 22.75 8.69
C PRO B 15 -14.07 22.09 7.96
N SER B 16 -14.63 22.81 6.99
CA SER B 16 -15.76 22.30 6.21
C SER B 16 -15.26 22.02 4.81
N PRO B 17 -15.17 20.74 4.42
CA PRO B 17 -14.70 20.36 3.09
C PRO B 17 -15.73 20.57 1.99
N LEU B 18 -15.27 21.06 0.84
CA LEU B 18 -16.16 21.28 -0.29
C LEU B 18 -15.84 20.26 -1.38
N SER B 19 -16.78 20.04 -2.29
CA SER B 19 -16.55 19.11 -3.38
C SER B 19 -16.17 19.95 -4.61
N MET B 20 -15.58 19.27 -5.59
CA MET B 20 -15.17 19.91 -6.84
C MET B 20 -16.44 20.48 -7.49
N LYS B 21 -17.53 19.76 -7.31
CA LYS B 21 -18.81 20.13 -7.87
C LYS B 21 -19.31 21.44 -7.28
N GLN B 22 -19.08 21.64 -5.98
CA GLN B 22 -19.48 22.87 -5.30
C GLN B 22 -18.63 24.05 -5.75
N LEU B 23 -17.31 23.86 -5.79
CA LEU B 23 -16.38 24.90 -6.19
C LEU B 23 -16.67 25.44 -7.60
N LEU B 24 -17.26 24.61 -8.44
CA LEU B 24 -17.60 25.03 -9.80
C LEU B 24 -18.65 26.12 -9.76
N ASP B 25 -19.61 25.98 -8.86
CA ASP B 25 -20.71 26.94 -8.73
C ASP B 25 -20.29 28.32 -8.24
N PHE B 26 -19.01 28.52 -7.93
CA PHE B 26 -18.55 29.83 -7.49
C PHE B 26 -18.90 30.83 -8.58
N GLY B 27 -18.96 30.35 -9.83
CA GLY B 27 -19.27 31.22 -10.95
C GLY B 27 -20.63 30.98 -11.59
N SER B 28 -21.68 31.08 -10.79
CA SER B 28 -23.05 30.87 -11.27
C SER B 28 -24.03 31.66 -10.42
N CYS B 32 -23.08 33.07 -5.69
CA CYS B 32 -22.73 34.45 -5.99
C CYS B 32 -21.50 34.89 -5.20
N GLU B 33 -21.03 36.11 -5.48
CA GLU B 33 -19.87 36.65 -4.80
C GLU B 33 -20.11 36.87 -3.31
N ARG B 34 -21.28 37.36 -2.94
CA ARG B 34 -21.53 37.60 -1.53
C ARG B 34 -21.66 36.34 -0.68
N THR B 35 -22.04 35.22 -1.29
CA THR B 35 -22.15 33.98 -0.53
C THR B 35 -20.74 33.42 -0.37
N SER B 36 -19.96 33.46 -1.43
CA SER B 36 -18.59 32.97 -1.40
C SER B 36 -17.81 33.82 -0.38
N PHE B 37 -18.14 35.11 -0.33
CA PHE B 37 -17.51 36.04 0.61
C PHE B 37 -17.81 35.64 2.05
N ALA B 38 -19.08 35.39 2.35
CA ALA B 38 -19.48 35.01 3.71
C ALA B 38 -18.83 33.68 4.08
N PHE B 39 -18.76 32.76 3.13
CA PHE B 39 -18.17 31.46 3.42
C PHE B 39 -16.68 31.54 3.74
N LEU B 40 -15.92 32.18 2.86
CA LEU B 40 -14.48 32.29 3.02
C LEU B 40 -14.00 33.14 4.20
N ARG B 41 -14.68 34.25 4.49
CA ARG B 41 -14.26 35.09 5.61
C ARG B 41 -14.35 34.27 6.90
N GLN B 42 -15.14 33.22 6.87
CA GLN B 42 -15.26 32.32 8.02
C GLN B 42 -14.34 31.11 7.90
N GLU B 43 -14.43 30.42 6.77
CA GLU B 43 -13.65 29.20 6.55
C GLU B 43 -12.13 29.36 6.53
N LEU B 44 -11.63 30.43 5.90
CA LEU B 44 -10.18 30.59 5.85
C LEU B 44 -9.59 30.76 7.26
N PRO B 45 -10.21 31.60 8.09
CA PRO B 45 -9.70 31.77 9.44
C PRO B 45 -9.76 30.43 10.19
N VAL B 46 -10.82 29.65 9.95
CA VAL B 46 -10.93 28.37 10.61
C VAL B 46 -9.78 27.44 10.25
N ARG B 47 -9.46 27.37 8.97
CA ARG B 47 -8.38 26.50 8.53
C ARG B 47 -7.02 26.98 9.03
N LEU B 48 -6.80 28.30 8.99
CA LEU B 48 -5.54 28.84 9.49
C LEU B 48 -5.39 28.58 10.98
N ALA B 49 -6.48 28.80 11.73
CA ALA B 49 -6.45 28.59 13.18
C ALA B 49 -6.21 27.12 13.57
N ASN B 50 -6.83 26.20 12.85
CA ASN B 50 -6.65 24.77 13.14
C ASN B 50 -5.18 24.34 12.98
N ILE B 51 -4.54 24.78 11.91
CA ILE B 51 -3.14 24.41 11.70
C ILE B 51 -2.20 25.17 12.63
N LEU B 52 -2.55 26.40 12.97
CA LEU B 52 -1.76 27.21 13.90
C LEU B 52 -1.70 26.54 15.28
N LYS B 53 -2.83 25.99 15.72
CA LYS B 53 -2.87 25.34 17.01
C LYS B 53 -2.04 24.07 16.95
N GLU B 54 -2.08 23.39 15.80
CA GLU B 54 -1.34 22.16 15.64
C GLU B 54 0.17 22.45 15.66
N ILE B 55 0.58 23.59 15.12
CA ILE B 55 1.98 23.96 15.13
C ILE B 55 2.49 24.04 16.59
N ASP B 56 1.70 24.61 17.49
CA ASP B 56 2.12 24.72 18.90
C ASP B 56 2.36 23.41 19.63
N ILE B 57 2.00 22.30 18.98
CA ILE B 57 2.17 20.97 19.56
C ILE B 57 3.53 20.36 19.19
N LEU B 58 4.20 20.95 18.21
CA LEU B 58 5.50 20.46 17.75
C LEU B 58 6.60 20.61 18.79
N PRO B 59 7.71 19.87 18.63
CA PRO B 59 8.84 19.93 19.58
C PRO B 59 9.27 21.39 19.70
N THR B 60 9.55 21.83 20.91
CA THR B 60 9.93 23.22 21.13
C THR B 60 11.07 23.74 20.25
N GLN B 61 12.08 22.90 20.00
CA GLN B 61 13.21 23.36 19.19
C GLN B 61 12.85 23.52 17.71
N LEU B 62 11.78 22.87 17.28
CA LEU B 62 11.36 23.03 15.90
C LEU B 62 10.54 24.32 15.85
N VAL B 63 9.61 24.45 16.78
CA VAL B 63 8.75 25.62 16.84
C VAL B 63 9.56 26.92 16.95
N ASN B 64 10.69 26.87 17.65
CA ASN B 64 11.53 28.06 17.83
C ASN B 64 12.47 28.39 16.68
N THR B 65 12.50 27.57 15.63
CA THR B 65 13.36 27.88 14.51
C THR B 65 12.83 29.18 13.92
N SER B 66 13.70 29.99 13.35
CA SER B 66 13.20 31.24 12.77
C SER B 66 12.17 30.94 11.68
N SER B 67 12.35 29.83 10.96
CA SER B 67 11.44 29.44 9.88
C SER B 67 10.00 29.17 10.34
N VAL B 68 9.84 28.34 11.36
CA VAL B 68 8.50 28.06 11.86
C VAL B 68 7.89 29.35 12.46
N GLN B 69 8.72 30.15 13.13
CA GLN B 69 8.21 31.41 13.70
C GLN B 69 7.69 32.35 12.60
N LEU B 70 8.37 32.34 11.46
CA LEU B 70 7.97 33.16 10.30
C LEU B 70 6.62 32.67 9.80
N VAL B 71 6.52 31.37 9.60
CA VAL B 71 5.28 30.78 9.10
C VAL B 71 4.12 31.11 10.06
N LYS B 72 4.37 30.96 11.35
CA LYS B 72 3.35 31.24 12.34
C LYS B 72 2.93 32.71 12.28
N SER B 73 3.91 33.62 12.18
CA SER B 73 3.57 35.04 12.13
C SER B 73 2.79 35.37 10.86
N TRP B 74 3.11 34.73 9.75
CA TRP B 74 2.39 35.01 8.51
C TRP B 74 0.93 34.55 8.60
N TYR B 75 0.72 33.31 9.05
CA TYR B 75 -0.63 32.76 9.19
C TYR B 75 -1.46 33.57 10.18
N ILE B 76 -0.84 34.05 11.25
CA ILE B 76 -1.57 34.87 12.22
C ILE B 76 -2.01 36.19 11.60
N GLN B 77 -1.10 36.88 10.90
CA GLN B 77 -1.44 38.14 10.27
C GLN B 77 -2.58 37.96 9.27
N SER B 78 -2.49 36.91 8.46
CA SER B 78 -3.54 36.65 7.48
C SER B 78 -4.88 36.36 8.17
N LEU B 79 -4.84 35.60 9.25
CA LEU B 79 -6.07 35.27 9.97
C LEU B 79 -6.71 36.57 10.45
N MET B 80 -5.90 37.48 11.01
CA MET B 80 -6.41 38.77 11.49
C MET B 80 -6.95 39.62 10.36
N ASP B 81 -6.24 39.65 9.21
CA ASP B 81 -6.68 40.42 8.05
C ASP B 81 -8.05 39.93 7.61
N LEU B 82 -8.25 38.62 7.67
CA LEU B 82 -9.51 38.04 7.25
C LEU B 82 -10.62 38.23 8.29
N VAL B 83 -10.30 38.08 9.57
CA VAL B 83 -11.32 38.23 10.60
C VAL B 83 -11.91 39.62 10.62
N GLU B 84 -11.11 40.61 10.22
CA GLU B 84 -11.56 41.99 10.17
C GLU B 84 -12.85 42.12 9.36
N PHE B 85 -12.98 41.29 8.31
CA PHE B 85 -14.16 41.31 7.46
C PHE B 85 -15.47 40.79 8.06
N HIS B 86 -15.41 40.24 9.26
CA HIS B 86 -16.64 39.75 9.90
C HIS B 86 -17.53 40.89 10.38
N GLU B 87 -17.01 42.11 10.37
CA GLU B 87 -17.81 43.25 10.81
C GLU B 87 -18.43 43.96 9.62
N LYS B 88 -18.09 43.51 8.42
CA LYS B 88 -18.62 44.11 7.20
C LYS B 88 -19.80 43.30 6.71
N SER B 89 -20.67 43.97 5.95
CA SER B 89 -21.87 43.34 5.41
C SER B 89 -21.61 42.71 4.04
N PRO B 90 -22.15 41.51 3.81
CA PRO B 90 -21.93 40.86 2.52
C PRO B 90 -22.52 41.71 1.39
N ASP B 91 -23.38 42.67 1.75
CA ASP B 91 -24.01 43.56 0.78
C ASP B 91 -23.17 44.81 0.54
N ASP B 92 -22.08 44.94 1.28
CA ASP B 92 -21.18 46.07 1.14
C ASP B 92 -20.29 45.81 -0.07
N GLN B 93 -20.61 46.45 -1.20
CA GLN B 93 -19.86 46.27 -2.42
C GLN B 93 -18.38 46.57 -2.24
N LYS B 94 -18.07 47.56 -1.41
CA LYS B 94 -16.69 47.93 -1.18
C LYS B 94 -16.00 46.84 -0.38
N ALA B 95 -16.70 46.26 0.59
CA ALA B 95 -16.11 45.19 1.39
C ALA B 95 -15.75 44.00 0.50
N LEU B 96 -16.61 43.70 -0.47
CA LEU B 96 -16.35 42.57 -1.37
C LEU B 96 -15.07 42.77 -2.21
N SER B 97 -14.87 43.99 -2.71
CA SER B 97 -13.69 44.29 -3.51
C SER B 97 -12.44 44.24 -2.64
N ASP B 98 -12.52 44.85 -1.47
CA ASP B 98 -11.39 44.86 -0.55
C ASP B 98 -11.05 43.44 -0.10
N PHE B 99 -12.05 42.58 -0.02
CA PHE B 99 -11.83 41.19 0.42
C PHE B 99 -10.97 40.48 -0.62
N VAL B 100 -11.23 40.78 -1.89
CA VAL B 100 -10.45 40.19 -2.97
C VAL B 100 -9.02 40.70 -2.88
N ASP B 101 -8.87 42.01 -2.62
CA ASP B 101 -7.54 42.58 -2.49
C ASP B 101 -6.83 41.92 -1.32
N THR B 102 -7.56 41.61 -0.25
CA THR B 102 -6.95 40.96 0.91
C THR B 102 -6.50 39.54 0.60
N LEU B 103 -7.30 38.82 -0.19
CA LEU B 103 -6.97 37.45 -0.58
C LEU B 103 -5.66 37.46 -1.37
N ILE B 104 -5.53 38.42 -2.27
CA ILE B 104 -4.31 38.58 -3.07
C ILE B 104 -3.13 38.89 -2.12
N LYS B 105 -3.38 39.76 -1.14
CA LYS B 105 -2.34 40.09 -0.18
C LYS B 105 -1.93 38.85 0.62
N VAL B 106 -2.91 38.06 1.03
CA VAL B 106 -2.63 36.84 1.78
C VAL B 106 -1.86 35.86 0.90
N ARG B 107 -2.33 35.67 -0.34
CA ARG B 107 -1.63 34.74 -1.24
C ARG B 107 -0.16 35.18 -1.37
N ASN B 108 0.09 36.47 -1.53
CA ASN B 108 1.47 36.95 -1.67
C ASN B 108 2.27 36.65 -0.40
N ARG B 109 1.68 36.95 0.75
CA ARG B 109 2.36 36.72 2.04
C ARG B 109 2.74 35.25 2.26
N HIS B 110 1.93 34.33 1.74
CA HIS B 110 2.16 32.90 1.93
C HIS B 110 2.97 32.26 0.81
N HIS B 111 3.37 33.05 -0.17
CA HIS B 111 4.12 32.54 -1.31
C HIS B 111 5.30 31.63 -0.95
N ASN B 112 6.06 32.02 0.07
CA ASN B 112 7.23 31.24 0.47
C ASN B 112 7.00 30.19 1.57
N VAL B 113 5.75 29.93 1.93
CA VAL B 113 5.48 28.98 3.01
C VAL B 113 6.11 27.60 2.91
N VAL B 114 6.02 26.96 1.74
CA VAL B 114 6.55 25.61 1.62
C VAL B 114 8.05 25.48 1.95
N PRO B 115 8.90 26.24 1.25
CA PRO B 115 10.36 26.20 1.49
C PRO B 115 10.73 26.64 2.91
N THR B 116 9.96 27.59 3.44
CA THR B 116 10.26 28.09 4.77
C THR B 116 10.01 26.99 5.80
N MET B 117 8.85 26.35 5.75
CA MET B 117 8.56 25.26 6.68
C MET B 117 9.60 24.16 6.48
N ALA B 118 9.92 23.88 5.22
CA ALA B 118 10.91 22.84 4.90
C ALA B 118 12.25 23.12 5.60
N GLN B 119 12.68 24.37 5.57
CA GLN B 119 13.95 24.78 6.18
C GLN B 119 13.93 24.54 7.69
N GLY B 120 12.80 24.83 8.32
CA GLY B 120 12.69 24.63 9.74
C GLY B 120 12.87 23.17 10.09
N ILE B 121 12.23 22.29 9.32
CA ILE B 121 12.34 20.85 9.53
C ILE B 121 13.79 20.37 9.35
N ILE B 122 14.43 20.84 8.29
CA ILE B 122 15.81 20.46 8.02
C ILE B 122 16.73 20.88 9.17
N GLU B 123 16.57 22.09 9.67
CA GLU B 123 17.40 22.58 10.78
C GLU B 123 17.16 21.77 12.03
N TYR B 124 15.90 21.52 12.35
CA TYR B 124 15.55 20.74 13.53
C TYR B 124 16.13 19.32 13.47
N LYS B 125 16.01 18.66 12.33
CA LYS B 125 16.52 17.30 12.17
C LYS B 125 18.05 17.22 12.14
N ASP B 126 18.67 18.23 11.54
CA ASP B 126 20.12 18.28 11.44
C ASP B 126 20.81 18.52 12.79
N ALA B 127 20.20 19.36 13.62
CA ALA B 127 20.80 19.70 14.90
C ALA B 127 20.34 18.88 16.09
N CYS B 128 19.17 18.27 15.99
CA CYS B 128 18.64 17.53 17.11
C CYS B 128 18.43 16.04 16.90
N THR B 129 18.58 15.30 18.00
CA THR B 129 18.36 13.88 17.98
C THR B 129 16.85 13.73 17.96
N VAL B 130 16.35 12.78 17.17
CA VAL B 130 14.92 12.59 17.05
C VAL B 130 14.54 11.12 17.20
N ASP B 131 13.61 10.84 18.11
CA ASP B 131 13.16 9.47 18.32
C ASP B 131 12.14 9.08 17.22
N PRO B 132 11.95 7.78 17.00
CA PRO B 132 11.03 7.26 15.99
C PRO B 132 9.62 7.81 16.08
N VAL B 133 9.15 8.03 17.31
CA VAL B 133 7.81 8.55 17.53
C VAL B 133 7.67 9.97 16.98
N THR B 134 8.63 10.82 17.30
CA THR B 134 8.63 12.20 16.82
C THR B 134 8.79 12.24 15.30
N ASN B 135 9.70 11.40 14.78
CA ASN B 135 9.95 11.34 13.34
C ASN B 135 8.65 11.07 12.60
N GLN B 136 7.88 10.14 13.14
CA GLN B 136 6.60 9.74 12.58
C GLN B 136 5.62 10.91 12.72
N ASN B 137 5.66 11.60 13.87
CA ASN B 137 4.78 12.72 14.10
C ASN B 137 5.08 13.89 13.14
N LEU B 138 6.34 14.09 12.78
CA LEU B 138 6.70 15.16 11.86
C LEU B 138 6.14 14.90 10.47
N GLN B 139 6.24 13.66 10.01
CA GLN B 139 5.73 13.28 8.69
C GLN B 139 4.23 13.58 8.68
N TYR B 140 3.56 13.13 9.73
CA TYR B 140 2.13 13.31 9.93
C TYR B 140 1.81 14.80 9.94
N PHE B 141 2.61 15.59 10.66
CA PHE B 141 2.38 17.02 10.71
C PHE B 141 2.57 17.65 9.34
N LEU B 142 3.67 17.33 8.68
CA LEU B 142 3.93 17.91 7.36
C LEU B 142 2.86 17.57 6.35
N ASP B 143 2.33 16.33 6.40
CA ASP B 143 1.28 15.97 5.45
C ASP B 143 0.07 16.87 5.70
N ARG B 144 -0.25 17.08 6.97
CA ARG B 144 -1.39 17.90 7.37
C ARG B 144 -1.17 19.38 7.09
N PHE B 145 0.01 19.88 7.43
CA PHE B 145 0.34 21.28 7.21
C PHE B 145 0.29 21.62 5.72
N TYR B 146 0.88 20.77 4.89
CA TYR B 146 0.89 21.04 3.46
C TYR B 146 -0.48 20.83 2.80
N MET B 147 -1.25 19.85 3.29
CA MET B 147 -2.59 19.64 2.73
C MET B 147 -3.41 20.89 3.06
N ASN B 148 -3.25 21.37 4.29
CA ASN B 148 -3.95 22.57 4.73
C ASN B 148 -3.63 23.74 3.80
N ARG B 149 -2.36 23.95 3.50
CA ARG B 149 -1.96 25.02 2.57
C ARG B 149 -2.55 24.78 1.16
N ILE B 150 -2.51 23.55 0.68
CA ILE B 150 -3.09 23.27 -0.65
C ILE B 150 -4.57 23.68 -0.67
N SER B 151 -5.28 23.39 0.41
CA SER B 151 -6.72 23.69 0.50
C SER B 151 -7.03 25.18 0.60
N THR B 152 -6.24 25.94 1.36
CA THR B 152 -6.51 27.37 1.46
C THR B 152 -6.14 28.07 0.17
N ARG B 153 -5.06 27.63 -0.45
CA ARG B 153 -4.61 28.22 -1.71
C ARG B 153 -5.68 27.99 -2.78
N MET B 154 -6.25 26.79 -2.77
CA MET B 154 -7.31 26.41 -3.72
C MET B 154 -8.54 27.32 -3.53
N LEU B 155 -9.04 27.41 -2.30
CA LEU B 155 -10.21 28.24 -2.04
C LEU B 155 -9.96 29.72 -2.35
N MET B 156 -8.82 30.25 -1.93
CA MET B 156 -8.55 31.66 -2.22
C MET B 156 -8.42 31.95 -3.70
N ASN B 157 -7.72 31.08 -4.42
CA ASN B 157 -7.55 31.28 -5.85
C ASN B 157 -8.89 31.18 -6.57
N GLN B 158 -9.74 30.26 -6.12
CA GLN B 158 -11.04 30.12 -6.75
C GLN B 158 -11.83 31.44 -6.69
N HIS B 159 -11.78 32.11 -5.54
CA HIS B 159 -12.47 33.39 -5.34
C HIS B 159 -11.84 34.53 -6.13
N ILE B 160 -10.52 34.66 -6.03
CA ILE B 160 -9.81 35.70 -6.78
C ILE B 160 -10.03 35.54 -8.29
N LEU B 161 -9.75 34.35 -8.80
CA LEU B 161 -9.89 34.09 -10.23
C LEU B 161 -11.28 34.33 -10.78
N ILE B 162 -12.30 34.14 -9.96
CA ILE B 162 -13.66 34.31 -10.43
C ILE B 162 -14.25 35.71 -10.19
N PHE B 163 -13.96 36.28 -9.04
CA PHE B 163 -14.50 37.60 -8.66
C PHE B 163 -13.58 38.82 -8.69
N SER B 164 -12.30 38.65 -9.03
CA SER B 164 -11.42 39.80 -9.05
C SER B 164 -11.75 40.68 -10.26
N ASP B 165 -11.38 41.95 -10.18
CA ASP B 165 -11.64 42.87 -11.30
C ASP B 165 -10.59 42.70 -12.39
N SER B 166 -9.34 42.53 -11.99
CA SER B 166 -8.25 42.40 -12.96
C SER B 166 -7.26 41.27 -12.70
N GLN B 167 -7.73 40.12 -12.25
CA GLN B 167 -6.86 38.97 -12.00
C GLN B 167 -7.71 37.69 -12.10
N THR B 168 -8.60 37.68 -13.08
CA THR B 168 -9.53 36.58 -13.32
C THR B 168 -9.02 35.28 -13.94
N GLY B 169 -7.85 35.30 -14.55
CA GLY B 169 -7.33 34.06 -15.14
C GLY B 169 -8.05 33.55 -16.38
N ASN B 170 -7.63 32.38 -16.86
CA ASN B 170 -8.20 31.78 -18.06
C ASN B 170 -9.72 31.66 -18.10
N PRO B 171 -10.34 32.22 -19.15
CA PRO B 171 -11.79 32.23 -19.38
C PRO B 171 -12.41 30.86 -19.63
N SER B 172 -11.60 29.90 -20.08
CA SER B 172 -12.11 28.57 -20.37
C SER B 172 -12.32 27.72 -19.11
N HIS B 173 -11.72 28.13 -18.01
CA HIS B 173 -11.86 27.41 -16.75
C HIS B 173 -12.83 28.15 -15.84
N ILE B 174 -13.28 27.49 -14.79
CA ILE B 174 -14.15 28.12 -13.80
C ILE B 174 -13.17 28.23 -12.64
N GLY B 175 -12.60 29.41 -12.45
CA GLY B 175 -11.59 29.56 -11.41
C GLY B 175 -10.40 28.75 -11.91
N SER B 176 -9.83 27.91 -11.04
CA SER B 176 -8.69 27.08 -11.44
C SER B 176 -9.16 25.68 -11.88
N ILE B 177 -10.48 25.49 -11.96
CA ILE B 177 -11.03 24.20 -12.37
C ILE B 177 -11.42 24.13 -13.85
N ASP B 178 -11.05 23.03 -14.50
CA ASP B 178 -11.40 22.80 -15.91
C ASP B 178 -12.45 21.69 -15.92
N PRO B 179 -13.71 22.02 -16.27
CA PRO B 179 -14.86 21.11 -16.34
C PRO B 179 -14.68 19.98 -17.33
N ASN B 180 -13.73 20.14 -18.24
CA ASN B 180 -13.45 19.16 -19.26
C ASN B 180 -11.95 19.04 -19.41
N CYS B 181 -11.28 18.69 -18.32
CA CYS B 181 -9.83 18.58 -18.35
C CYS B 181 -9.30 17.53 -19.33
N ASP B 182 -8.48 17.99 -20.29
CA ASP B 182 -7.87 17.12 -21.28
C ASP B 182 -6.64 16.46 -20.62
N VAL B 183 -6.89 15.36 -19.92
CA VAL B 183 -5.83 14.66 -19.19
C VAL B 183 -4.57 14.35 -20.00
N VAL B 184 -4.75 13.76 -21.17
CA VAL B 184 -3.62 13.42 -22.01
C VAL B 184 -2.80 14.65 -22.35
N ALA B 185 -3.48 15.76 -22.62
CA ALA B 185 -2.80 17.00 -22.96
C ALA B 185 -1.93 17.47 -21.78
N VAL B 186 -2.46 17.34 -20.57
CA VAL B 186 -1.71 17.73 -19.38
C VAL B 186 -0.50 16.81 -19.21
N VAL B 187 -0.72 15.52 -19.43
CA VAL B 187 0.38 14.55 -19.34
C VAL B 187 1.52 14.95 -20.28
N GLN B 188 1.17 15.21 -21.54
CA GLN B 188 2.17 15.59 -22.54
C GLN B 188 2.92 16.86 -22.16
N ASP B 189 2.19 17.85 -21.65
CA ASP B 189 2.83 19.10 -21.27
C ASP B 189 3.78 18.90 -20.10
N ALA B 190 3.34 18.14 -19.09
CA ALA B 190 4.17 17.89 -17.93
C ALA B 190 5.42 17.10 -18.36
N PHE B 191 5.24 16.13 -19.24
CA PHE B 191 6.41 15.37 -19.70
C PHE B 191 7.46 16.31 -20.34
N GLU B 192 6.98 17.18 -21.21
CA GLU B 192 7.88 18.12 -21.89
C GLU B 192 8.61 19.07 -20.94
N CYS B 193 7.91 19.59 -19.93
CA CYS B 193 8.56 20.48 -18.96
C CYS B 193 9.71 19.76 -18.27
N SER B 194 9.46 18.50 -17.91
CA SER B 194 10.48 17.69 -17.25
C SER B 194 11.63 17.40 -18.21
N ARG B 195 11.27 17.06 -19.45
CA ARG B 195 12.26 16.74 -20.47
C ARG B 195 13.18 17.93 -20.74
N MET B 196 12.61 19.12 -20.75
CA MET B 196 13.38 20.33 -21.00
C MET B 196 14.41 20.50 -19.90
N LEU B 197 14.03 20.22 -18.66
CA LEU B 197 14.94 20.34 -17.52
C LEU B 197 15.97 19.21 -17.58
N CYS B 198 15.51 18.01 -17.90
CA CYS B 198 16.39 16.85 -17.98
C CYS B 198 17.50 17.11 -19.01
N ASP B 199 17.12 17.60 -20.19
CA ASP B 199 18.10 17.90 -21.25
C ASP B 199 19.13 18.92 -20.76
N GLN B 200 18.64 19.96 -20.09
CA GLN B 200 19.49 21.02 -19.58
C GLN B 200 20.56 20.50 -18.64
N TYR B 201 20.21 19.51 -17.83
CA TYR B 201 21.16 18.98 -16.86
C TYR B 201 21.91 17.72 -17.31
N TYR B 202 21.25 16.87 -18.08
CA TYR B 202 21.87 15.63 -18.55
C TYR B 202 22.20 15.63 -20.04
N LEU B 203 21.77 16.67 -20.74
CA LEU B 203 22.01 16.81 -22.18
C LEU B 203 21.30 15.76 -23.00
N SER B 204 20.55 14.89 -22.32
CA SER B 204 19.79 13.85 -23.00
C SER B 204 18.59 13.53 -22.12
N SER B 205 17.53 13.01 -22.73
CA SER B 205 16.33 12.68 -21.97
C SER B 205 15.51 11.60 -22.65
N PRO B 206 14.80 10.79 -21.84
CA PRO B 206 13.98 9.71 -22.39
C PRO B 206 12.81 10.27 -23.16
N GLU B 207 12.30 9.49 -24.10
CA GLU B 207 11.13 9.88 -24.86
C GLU B 207 9.91 9.36 -24.12
N LEU B 208 8.74 9.78 -24.58
CA LEU B 208 7.48 9.37 -24.00
C LEU B 208 6.71 8.43 -24.92
N LYS B 209 6.24 7.33 -24.35
CA LYS B 209 5.42 6.38 -25.08
C LYS B 209 4.13 6.37 -24.29
N LEU B 210 3.11 7.00 -24.85
CA LEU B 210 1.83 7.11 -24.17
C LEU B 210 0.70 6.32 -24.81
N THR B 211 -0.07 5.66 -23.96
CA THR B 211 -1.22 4.87 -24.37
C THR B 211 -2.44 5.38 -23.62
N GLN B 212 -3.61 5.30 -24.24
CA GLN B 212 -4.81 5.74 -23.56
C GLN B 212 -5.99 4.82 -23.82
N VAL B 213 -6.75 4.57 -22.75
CA VAL B 213 -7.91 3.70 -22.84
C VAL B 213 -9.08 4.32 -22.12
N ASN B 214 -10.14 4.60 -22.86
CA ASN B 214 -11.33 5.15 -22.24
C ASN B 214 -12.29 3.99 -22.06
N GLY B 215 -12.29 3.41 -20.86
CA GLY B 215 -13.18 2.29 -20.58
C GLY B 215 -14.58 2.78 -20.27
N LYS B 216 -14.71 4.05 -19.89
CA LYS B 216 -16.01 4.61 -19.57
C LYS B 216 -16.76 5.04 -20.83
N PHE B 217 -16.03 5.51 -21.84
CA PHE B 217 -16.60 5.95 -23.12
C PHE B 217 -15.58 5.55 -24.19
N PRO B 218 -15.62 4.29 -24.64
CA PRO B 218 -14.70 3.77 -25.65
C PRO B 218 -14.37 4.69 -26.83
N ASP B 219 -13.13 4.61 -27.29
CA ASP B 219 -12.63 5.39 -28.43
C ASP B 219 -12.74 6.90 -28.28
N GLN B 220 -13.33 7.37 -27.19
CA GLN B 220 -13.48 8.79 -26.99
C GLN B 220 -12.36 9.39 -26.14
N PRO B 221 -12.07 10.69 -26.33
CA PRO B 221 -11.04 11.42 -25.59
C PRO B 221 -11.32 11.39 -24.09
N ILE B 222 -10.25 11.36 -23.29
CA ILE B 222 -10.44 11.32 -21.84
C ILE B 222 -10.45 12.70 -21.20
N HIS B 223 -11.58 13.02 -20.57
CA HIS B 223 -11.76 14.28 -19.87
C HIS B 223 -12.49 14.00 -18.54
N ILE B 224 -12.19 14.82 -17.54
CA ILE B 224 -12.86 14.74 -16.25
C ILE B 224 -12.77 16.15 -15.69
N VAL B 225 -13.57 16.44 -14.68
CA VAL B 225 -13.50 17.75 -14.05
C VAL B 225 -12.31 17.69 -13.11
N TYR B 226 -11.38 18.62 -13.26
CA TYR B 226 -10.22 18.61 -12.37
C TYR B 226 -9.51 19.95 -12.40
N VAL B 227 -8.56 20.11 -11.48
CA VAL B 227 -7.74 21.29 -11.39
C VAL B 227 -6.48 20.93 -12.18
N PRO B 228 -6.38 21.41 -13.43
CA PRO B 228 -5.20 21.08 -14.23
C PRO B 228 -3.84 21.40 -13.61
N SER B 229 -3.69 22.52 -12.91
CA SER B 229 -2.39 22.84 -12.34
C SER B 229 -1.96 21.80 -11.30
N HIS B 230 -2.93 21.25 -10.56
CA HIS B 230 -2.60 20.22 -9.57
C HIS B 230 -2.16 18.94 -10.30
N LEU B 231 -2.91 18.59 -11.33
CA LEU B 231 -2.57 17.39 -12.09
C LEU B 231 -1.18 17.53 -12.72
N HIS B 232 -0.91 18.72 -13.27
CA HIS B 232 0.38 18.99 -13.88
C HIS B 232 1.50 18.85 -12.84
N HIS B 233 1.28 19.33 -11.62
CA HIS B 233 2.29 19.24 -10.57
C HIS B 233 2.67 17.77 -10.31
N MET B 234 1.66 16.92 -10.10
CA MET B 234 1.90 15.50 -9.83
C MET B 234 2.69 14.83 -10.95
N LEU B 235 2.23 15.02 -12.19
CA LEU B 235 2.91 14.43 -13.35
C LEU B 235 4.33 14.95 -13.51
N PHE B 236 4.48 16.27 -13.41
CA PHE B 236 5.79 16.88 -13.57
C PHE B 236 6.80 16.28 -12.58
N GLU B 237 6.41 16.16 -11.31
CA GLU B 237 7.32 15.61 -10.29
C GLU B 237 7.65 14.14 -10.53
N LEU B 238 6.66 13.35 -10.91
CA LEU B 238 6.88 11.93 -11.16
C LEU B 238 7.74 11.77 -12.40
N PHE B 239 7.53 12.64 -13.40
CA PHE B 239 8.33 12.54 -14.61
C PHE B 239 9.79 12.88 -14.33
N LYS B 240 10.04 13.90 -13.51
CA LYS B 240 11.42 14.28 -13.18
C LYS B 240 12.12 13.12 -12.49
N ASN B 241 11.38 12.42 -11.63
CA ASN B 241 11.93 11.28 -10.91
C ASN B 241 12.29 10.13 -11.83
N ALA B 242 11.40 9.85 -12.80
CA ALA B 242 11.60 8.76 -13.76
C ALA B 242 12.75 9.08 -14.70
N MET B 243 12.83 10.35 -15.12
CA MET B 243 13.92 10.74 -16.01
C MET B 243 15.27 10.71 -15.31
N ARG B 244 15.33 11.20 -14.08
CA ARG B 244 16.60 11.16 -13.37
C ARG B 244 17.02 9.70 -13.16
N ALA B 245 16.09 8.85 -12.74
CA ALA B 245 16.42 7.44 -12.50
C ALA B 245 16.89 6.73 -13.78
N THR B 246 16.18 6.94 -14.87
CA THR B 246 16.52 6.34 -16.15
C THR B 246 17.92 6.78 -16.60
N VAL B 247 18.16 8.10 -16.61
CA VAL B 247 19.43 8.63 -17.05
C VAL B 247 20.61 8.13 -16.19
N GLU B 248 20.49 8.25 -14.87
CA GLU B 248 21.58 7.81 -13.99
C GLU B 248 21.83 6.29 -14.02
N HIS B 249 20.78 5.48 -14.13
CA HIS B 249 20.93 4.03 -14.17
C HIS B 249 21.50 3.55 -15.50
N GLN B 250 21.21 4.28 -16.57
CA GLN B 250 21.68 3.92 -17.90
C GLN B 250 22.81 4.81 -18.41
N GLU B 251 23.62 5.33 -17.49
CA GLU B 251 24.73 6.21 -17.85
C GLU B 251 25.75 5.50 -18.74
N ASN B 252 25.92 4.19 -18.50
CA ASN B 252 26.86 3.40 -19.25
C ASN B 252 26.18 2.76 -20.46
N GLN B 253 25.15 3.44 -20.97
CA GLN B 253 24.41 2.96 -22.14
C GLN B 253 24.40 4.07 -23.20
N PRO B 254 24.35 3.68 -24.48
CA PRO B 254 24.33 4.64 -25.58
C PRO B 254 23.04 5.46 -25.59
N SER B 255 21.90 4.77 -25.55
CA SER B 255 20.60 5.42 -25.56
C SER B 255 19.89 5.36 -24.21
N LEU B 256 18.61 5.72 -24.21
CA LEU B 256 17.81 5.71 -23.01
C LEU B 256 16.47 5.07 -23.31
N THR B 257 15.98 4.24 -22.40
CA THR B 257 14.69 3.61 -22.62
C THR B 257 13.63 4.69 -22.40
N PRO B 258 12.51 4.60 -23.11
CA PRO B 258 11.46 5.60 -22.96
C PRO B 258 10.68 5.43 -21.67
N ILE B 259 9.86 6.43 -21.35
CA ILE B 259 9.03 6.35 -20.18
C ILE B 259 7.66 6.02 -20.71
N GLU B 260 7.11 4.90 -20.25
CA GLU B 260 5.82 4.45 -20.71
C GLU B 260 4.72 4.98 -19.81
N VAL B 261 3.68 5.53 -20.41
CA VAL B 261 2.57 6.07 -19.66
C VAL B 261 1.25 5.57 -20.20
N ILE B 262 0.38 5.16 -19.30
CA ILE B 262 -0.93 4.73 -19.73
C ILE B 262 -1.97 5.49 -18.92
N VAL B 263 -2.92 6.09 -19.63
CA VAL B 263 -3.99 6.87 -19.02
C VAL B 263 -5.27 6.06 -19.21
N VAL B 264 -5.96 5.79 -18.11
CA VAL B 264 -7.19 5.01 -18.19
C VAL B 264 -8.35 5.65 -17.47
N LEU B 265 -9.51 5.64 -18.12
CA LEU B 265 -10.71 6.16 -17.50
C LEU B 265 -11.66 5.00 -17.25
N GLY B 266 -11.96 4.77 -15.98
CA GLY B 266 -12.87 3.71 -15.58
C GLY B 266 -14.12 4.37 -15.06
N LYS B 267 -15.06 3.59 -14.53
CA LYS B 267 -16.31 4.17 -14.03
C LYS B 267 -16.14 5.14 -12.85
N GLU B 268 -15.28 4.78 -11.90
CA GLU B 268 -15.04 5.59 -10.70
C GLU B 268 -13.68 6.29 -10.69
N ASP B 269 -12.74 5.75 -11.45
CA ASP B 269 -11.38 6.29 -11.45
C ASP B 269 -10.81 6.69 -12.78
N LEU B 270 -9.87 7.62 -12.69
CA LEU B 270 -9.07 8.08 -13.80
C LEU B 270 -7.73 7.58 -13.26
N THR B 271 -7.02 6.74 -14.00
CA THR B 271 -5.75 6.22 -13.53
C THR B 271 -4.63 6.50 -14.49
N ILE B 272 -3.50 6.93 -13.96
CA ILE B 272 -2.33 7.23 -14.78
C ILE B 272 -1.12 6.50 -14.23
N LYS B 273 -0.56 5.59 -15.02
CA LYS B 273 0.62 4.84 -14.59
C LYS B 273 1.84 5.22 -15.41
N ILE B 274 2.87 5.68 -14.71
CA ILE B 274 4.13 6.10 -15.32
C ILE B 274 5.18 5.05 -15.02
N SER B 275 5.65 4.37 -16.07
CA SER B 275 6.67 3.31 -15.92
C SER B 275 8.05 3.64 -16.48
N ASP B 276 9.08 3.36 -15.69
CA ASP B 276 10.44 3.61 -16.15
C ASP B 276 11.31 2.37 -15.98
N ARG B 277 12.49 2.41 -16.56
CA ARG B 277 13.45 1.33 -16.41
C ARG B 277 14.68 1.98 -15.78
N GLY B 278 14.44 2.72 -14.69
CA GLY B 278 15.51 3.41 -14.00
C GLY B 278 16.19 2.64 -12.88
N GLY B 279 16.04 1.32 -12.91
CA GLY B 279 16.70 0.49 -11.91
C GLY B 279 15.92 0.20 -10.65
N GLY B 280 14.85 0.95 -10.41
CA GLY B 280 14.03 0.73 -9.23
C GLY B 280 14.70 1.01 -7.89
N VAL B 281 14.05 0.57 -6.81
CA VAL B 281 14.61 0.75 -5.49
C VAL B 281 14.26 -0.47 -4.64
N PRO B 282 15.14 -0.83 -3.69
CA PRO B 282 14.92 -1.98 -2.81
C PRO B 282 13.61 -1.82 -2.04
N LEU B 283 12.89 -2.92 -1.87
CA LEU B 283 11.60 -2.91 -1.15
C LEU B 283 11.73 -2.18 0.19
N ARG B 284 12.86 -2.40 0.84
CA ARG B 284 13.16 -1.81 2.13
C ARG B 284 13.09 -0.28 2.18
N ILE B 285 13.31 0.36 1.03
CA ILE B 285 13.30 1.83 0.93
C ILE B 285 12.00 2.44 0.42
N ILE B 286 11.15 1.61 -0.21
CA ILE B 286 9.90 2.09 -0.77
C ILE B 286 9.12 3.06 0.09
N ASP B 287 8.83 2.68 1.32
CA ASP B 287 8.08 3.59 2.19
C ASP B 287 8.86 4.87 2.43
N ARG B 288 10.15 4.71 2.71
CA ARG B 288 11.02 5.86 2.96
C ARG B 288 10.97 6.92 1.89
N LEU B 289 10.68 6.51 0.66
CA LEU B 289 10.64 7.46 -0.46
C LEU B 289 9.67 8.60 -0.23
N PHE B 290 8.58 8.34 0.50
CA PHE B 290 7.60 9.39 0.74
C PHE B 290 7.89 10.31 1.91
N SER B 291 8.93 9.99 2.67
CA SER B 291 9.31 10.83 3.80
C SER B 291 9.85 12.15 3.22
N TYR B 292 9.49 13.27 3.83
CA TYR B 292 9.95 14.58 3.37
C TYR B 292 11.46 14.78 3.39
N THR B 293 12.16 14.11 4.31
CA THR B 293 13.61 14.25 4.40
C THR B 293 14.41 13.17 3.67
N TYR B 294 13.75 12.38 2.82
CA TYR B 294 14.47 11.34 2.09
C TYR B 294 14.74 11.76 0.66
N SER B 295 16.02 11.82 0.29
CA SER B 295 16.39 12.19 -1.07
C SER B 295 17.79 11.67 -1.39
N THR B 296 17.99 11.19 -2.62
CA THR B 296 19.31 10.70 -3.04
C THR B 296 19.92 11.73 -4.00
N ALA B 297 19.22 12.86 -4.17
CA ALA B 297 19.67 13.93 -5.05
C ALA B 297 20.90 14.60 -4.45
N PRO B 298 21.85 15.02 -5.30
CA PRO B 298 23.09 15.68 -4.89
C PRO B 298 22.87 16.86 -3.95
N LEU B 310 18.23 18.29 -11.57
CA LEU B 310 16.85 17.90 -11.87
C LEU B 310 16.10 17.53 -10.60
N ALA B 311 16.84 17.16 -9.56
CA ALA B 311 16.24 16.77 -8.28
C ALA B 311 16.45 17.82 -7.17
N GLY B 312 15.94 17.53 -5.97
CA GLY B 312 16.07 18.47 -4.86
C GLY B 312 15.96 17.91 -3.44
N PHE B 313 15.37 18.71 -2.56
CA PHE B 313 15.19 18.38 -1.13
C PHE B 313 14.30 17.21 -0.70
N GLY B 314 13.65 16.53 -1.64
CA GLY B 314 12.79 15.40 -1.27
C GLY B 314 11.29 15.66 -1.12
N TYR B 315 10.78 16.62 -1.88
CA TYR B 315 9.37 16.95 -1.81
C TYR B 315 8.46 16.35 -2.88
N GLY B 316 9.06 15.94 -3.99
CA GLY B 316 8.27 15.41 -5.10
C GLY B 316 7.20 14.38 -4.79
N LEU B 317 7.58 13.29 -4.15
CA LEU B 317 6.62 12.24 -3.87
C LEU B 317 5.59 12.60 -2.82
N PRO B 318 6.03 13.04 -1.63
CA PRO B 318 5.01 13.38 -0.63
C PRO B 318 4.05 14.49 -1.05
N ILE B 319 4.56 15.55 -1.68
CA ILE B 319 3.67 16.63 -2.10
C ILE B 319 2.74 16.14 -3.21
N SER B 320 3.29 15.38 -4.17
CA SER B 320 2.46 14.86 -5.24
C SER B 320 1.34 13.96 -4.69
N ARG B 321 1.66 13.17 -3.67
CA ARG B 321 0.65 12.32 -3.09
C ARG B 321 -0.42 13.18 -2.40
N LEU B 322 -0.02 14.28 -1.78
CA LEU B 322 -1.02 15.16 -1.16
C LEU B 322 -1.96 15.71 -2.24
N TYR B 323 -1.42 16.23 -3.34
CA TYR B 323 -2.32 16.70 -4.40
C TYR B 323 -3.30 15.61 -4.82
N ALA B 324 -2.83 14.38 -5.00
CA ALA B 324 -3.72 13.30 -5.41
C ALA B 324 -4.79 12.99 -4.34
N LYS B 325 -4.38 12.99 -3.07
CA LYS B 325 -5.29 12.69 -1.97
C LYS B 325 -6.25 13.84 -1.64
N TYR B 326 -5.89 15.05 -2.03
CA TYR B 326 -6.71 16.23 -1.72
C TYR B 326 -8.16 16.08 -2.17
N PHE B 327 -8.41 15.50 -3.34
CA PHE B 327 -9.78 15.32 -3.78
C PHE B 327 -10.16 13.84 -3.79
N GLN B 328 -9.70 13.13 -2.78
CA GLN B 328 -9.97 11.72 -2.56
C GLN B 328 -9.31 10.77 -3.57
N GLY B 329 -8.19 11.20 -4.17
CA GLY B 329 -7.49 10.31 -5.08
C GLY B 329 -6.34 9.68 -4.29
N ASP B 330 -5.33 9.19 -4.97
CA ASP B 330 -4.20 8.60 -4.26
C ASP B 330 -3.01 8.47 -5.20
N LEU B 331 -1.85 8.18 -4.64
CA LEU B 331 -0.66 8.01 -5.47
C LEU B 331 0.15 6.87 -4.84
N ASN B 332 0.42 5.84 -5.64
CA ASN B 332 1.17 4.68 -5.15
C ASN B 332 2.39 4.46 -6.03
N LEU B 333 3.38 3.79 -5.46
CA LEU B 333 4.61 3.49 -6.18
C LEU B 333 4.97 2.02 -5.93
N TYR B 334 5.31 1.28 -6.97
CA TYR B 334 5.76 -0.09 -6.77
C TYR B 334 6.97 -0.24 -7.66
N SER B 335 8.01 -0.84 -7.11
CA SER B 335 9.25 -0.93 -7.86
C SER B 335 9.80 -2.31 -7.96
N LEU B 336 10.54 -2.55 -9.05
CA LEU B 336 11.19 -3.82 -9.29
C LEU B 336 12.67 -3.53 -9.23
N SER B 337 13.23 -3.67 -8.05
CA SER B 337 14.63 -3.39 -7.82
C SER B 337 15.48 -4.19 -8.80
N GLY B 338 16.32 -3.48 -9.55
CA GLY B 338 17.17 -4.09 -10.55
C GLY B 338 16.62 -3.84 -11.95
N TYR B 339 15.42 -3.27 -12.02
CA TYR B 339 14.80 -3.03 -13.31
C TYR B 339 14.20 -1.64 -13.50
N GLY B 340 13.13 -1.36 -12.77
CA GLY B 340 12.47 -0.08 -12.91
C GLY B 340 11.36 0.14 -11.91
N THR B 341 10.59 1.21 -12.14
CA THR B 341 9.52 1.58 -11.21
C THR B 341 8.23 2.04 -11.89
N ASP B 342 7.10 1.70 -11.27
CA ASP B 342 5.78 2.13 -11.75
C ASP B 342 5.21 3.12 -10.71
N ALA B 343 4.88 4.33 -11.15
CA ALA B 343 4.27 5.34 -10.27
C ALA B 343 2.85 5.46 -10.78
N ILE B 344 1.88 5.40 -9.89
CA ILE B 344 0.52 5.47 -10.33
C ILE B 344 -0.33 6.48 -9.59
N ILE B 345 -1.06 7.28 -10.36
CA ILE B 345 -1.94 8.32 -9.85
C ILE B 345 -3.39 7.89 -10.03
N TYR B 346 -4.17 8.04 -8.98
CA TYR B 346 -5.61 7.72 -9.06
C TYR B 346 -6.38 9.00 -8.72
N LEU B 347 -7.36 9.36 -9.55
CA LEU B 347 -8.20 10.53 -9.28
C LEU B 347 -9.65 10.08 -9.41
N LYS B 348 -10.54 10.69 -8.65
CA LYS B 348 -11.95 10.32 -8.75
C LYS B 348 -12.46 10.81 -10.10
N ALA B 349 -13.27 10.00 -10.77
CA ALA B 349 -13.80 10.37 -12.08
C ALA B 349 -15.08 11.19 -11.95
N LEU B 350 -15.68 11.18 -10.76
CA LEU B 350 -16.90 11.95 -10.51
C LEU B 350 -16.58 13.20 -9.69
N SER B 351 -17.06 14.35 -10.12
CA SER B 351 -16.79 15.57 -9.39
C SER B 351 -17.49 15.58 -8.05
N SER B 352 -18.64 14.91 -7.97
CA SER B 352 -19.38 14.86 -6.72
C SER B 352 -18.66 14.07 -5.62
N GLU B 353 -17.79 13.15 -6.03
CA GLU B 353 -17.02 12.35 -5.08
C GLU B 353 -15.67 12.97 -4.81
N SER B 354 -15.34 14.02 -5.56
CA SER B 354 -14.07 14.72 -5.40
C SER B 354 -14.26 15.74 -4.28
N ILE B 355 -14.08 15.28 -3.04
CA ILE B 355 -14.29 16.13 -1.87
C ILE B 355 -12.98 16.36 -1.12
N GLU B 356 -12.76 17.60 -0.70
CA GLU B 356 -11.53 17.94 0.01
C GLU B 356 -11.24 17.02 1.17
N LYS B 357 -9.99 16.59 1.28
CA LYS B 357 -9.58 15.75 2.40
C LYS B 357 -8.81 16.74 3.29
N LEU B 358 -9.46 17.18 4.38
CA LEU B 358 -8.85 18.18 5.25
C LEU B 358 -8.47 17.76 6.67
N PRO B 359 -7.30 18.21 7.15
CA PRO B 359 -6.88 17.86 8.51
C PRO B 359 -7.65 18.77 9.48
N VAL B 360 -8.04 18.21 10.62
CA VAL B 360 -8.76 18.95 11.64
C VAL B 360 -8.02 18.76 12.96
N PHE B 361 -7.84 19.84 13.70
CA PHE B 361 -7.15 19.69 14.97
C PHE B 361 -8.17 19.48 16.07
N ASN B 362 -8.51 18.22 16.28
CA ASN B 362 -9.45 17.82 17.31
C ASN B 362 -8.72 16.90 18.27
N LYS B 363 -9.42 16.42 19.29
CA LYS B 363 -8.82 15.55 20.29
C LYS B 363 -8.23 14.29 19.64
N SER B 364 -8.89 13.80 18.58
CA SER B 364 -8.41 12.62 17.90
C SER B 364 -7.03 12.84 17.28
N ALA B 365 -6.81 14.03 16.74
CA ALA B 365 -5.52 14.35 16.13
C ALA B 365 -4.49 14.53 17.25
N PHE B 366 -4.91 15.28 18.28
CA PHE B 366 -4.07 15.57 19.44
C PHE B 366 -3.50 14.29 20.04
N LYS B 367 -4.32 13.24 20.11
CA LYS B 367 -3.87 11.98 20.67
C LYS B 367 -2.88 11.28 19.74
N HIS B 368 -3.16 11.29 18.44
CA HIS B 368 -2.29 10.66 17.46
C HIS B 368 -0.84 11.09 17.69
N TYR B 369 -0.67 12.36 18.07
CA TYR B 369 0.67 12.89 18.34
C TYR B 369 1.24 12.25 19.60
#